data_4LF3
#
_entry.id   4LF3
#
_cell.length_a   104.928
_cell.length_b   62.777
_cell.length_c   116.432
_cell.angle_alpha   90.000
_cell.angle_beta   106.040
_cell.angle_gamma   90.000
#
_symmetry.space_group_name_H-M   'P 1 21 1'
#
loop_
_entity.id
_entity.type
_entity.pdbx_description
1 polymer 'Fab heavy chain'
2 polymer 'Fab light chain'
3 polymer 'Glucagon receptor'
4 water water
#
loop_
_entity_poly.entity_id
_entity_poly.type
_entity_poly.pdbx_seq_one_letter_code
_entity_poly.pdbx_strand_id
1 'polypeptide(L)'
;DIQMTQSPSSLSASVGDRVTITCRASQGIRNDLGWYQQKPGKAPKRLIYAASSLESGVPSRFSGSGSGTEFTLTISSVQP
EDFVTYYCLQHNSNPLTFGGGTKVEIKRTVAAPSVFIFPPSDEQLKSGTASVVCLLNNFYPREAKVQWKVDNALQSGNSQ
ESVTEQDSKDSTYSLSSTLTLSKADYEKHKVYACEVTHQGLSSPVTKSFNRGEC
;
A,D
2 'polypeptide(L)'
;QVQLVESGGGVVQPGRSLRLSCAASGFTFSSYGMHWVRQAPGKGLEWVAVMWYDGSNKDYVDSVKGRFTISRDNSKNTLY
LQMNRLRAEDTAVYYCAREKDHYDILTGYNYYYGLDVWGQGTTVTVSSASTKGPSVFPLAPSSKSTSGGTAALGCLVKDY
FPEPVTVSWNSGALTSGVHTFPAVLQSSGLYSLSSVVTVPSSSLGTQTYICNVNHKPSNTKVDKKVEPKSC
;
B,E
3 'polypeptide(L)'
;MDFLFEKWKLYSDQCHHNLSLLPPPTELVCNRTFDKYSCWPDTPANTTANISCPWYLPWHHKVQHRFVFKRCGPDGQWVR
GPRGQPWRDASQCQM
;
C,F
#
# COMPACT_ATOMS: atom_id res chain seq x y z
N ASP A 1 4.13 34.59 -17.48
CA ASP A 1 4.66 33.29 -17.07
C ASP A 1 5.79 33.49 -16.05
N ILE A 2 5.54 33.18 -14.77
CA ILE A 2 6.54 33.46 -13.73
C ILE A 2 7.70 32.46 -13.63
N GLN A 3 8.93 32.93 -13.87
CA GLN A 3 10.14 32.14 -13.72
C GLN A 3 10.75 32.12 -12.34
N MET A 4 11.10 30.91 -11.92
CA MET A 4 11.72 30.66 -10.63
C MET A 4 13.19 30.26 -10.81
N THR A 5 14.07 31.23 -10.63
CA THR A 5 15.50 31.03 -10.78
C THR A 5 16.01 30.53 -9.42
N GLN A 6 16.52 29.31 -9.39
CA GLN A 6 16.99 28.68 -8.15
C GLN A 6 18.50 28.55 -8.15
N SER A 7 19.10 28.79 -6.99
CA SER A 7 20.57 28.74 -6.89
C SER A 7 21.12 28.15 -5.58
N PRO A 8 22.19 27.33 -5.66
CA PRO A 8 22.82 26.89 -6.91
C PRO A 8 22.16 25.60 -7.40
N SER A 9 22.56 25.10 -8.57
CA SER A 9 22.05 23.83 -9.04
C SER A 9 22.53 22.71 -8.12
N SER A 10 23.80 22.73 -7.73
CA SER A 10 24.30 21.75 -6.75
C SER A 10 25.31 22.37 -5.81
N LEU A 11 25.27 21.94 -4.55
CA LEU A 11 26.22 22.48 -3.61
C LEU A 11 26.88 21.39 -2.82
N SER A 12 27.91 21.84 -2.11
CA SER A 12 28.87 21.07 -1.33
C SER A 12 28.86 21.38 0.15
N ALA A 13 28.70 20.36 1.00
CA ALA A 13 28.63 20.63 2.42
C ALA A 13 29.15 19.51 3.32
N SER A 14 29.63 19.93 4.48
CA SER A 14 30.04 18.99 5.51
C SER A 14 29.01 19.09 6.61
N VAL A 15 28.61 17.96 7.16
CA VAL A 15 27.59 17.96 8.19
C VAL A 15 27.93 19.00 9.25
N GLY A 16 26.98 19.86 9.54
CA GLY A 16 27.24 20.94 10.46
C GLY A 16 27.35 22.27 9.74
N ASP A 17 27.56 22.24 8.41
CA ASP A 17 27.66 23.52 7.73
C ASP A 17 26.25 24.16 7.72
N ARG A 18 26.21 25.45 7.43
CA ARG A 18 24.96 26.16 7.22
C ARG A 18 24.73 26.15 5.74
N VAL A 19 23.54 25.75 5.31
CA VAL A 19 23.32 25.70 3.90
C VAL A 19 22.26 26.73 3.55
N THR A 20 22.50 27.40 2.45
CA THR A 20 21.62 28.46 1.98
C THR A 20 21.31 28.27 0.53
N ILE A 21 20.02 28.15 0.27
CA ILE A 21 19.52 28.00 -1.09
C ILE A 21 18.56 29.16 -1.44
N THR A 22 18.85 29.85 -2.54
CA THR A 22 18.08 31.03 -2.94
C THR A 22 17.10 30.75 -4.08
N CYS A 23 16.00 31.50 -4.09
CA CYS A 23 15.00 31.35 -5.14
C CYS A 23 14.56 32.74 -5.57
N ARG A 24 14.77 33.09 -6.83
CA ARG A 24 14.36 34.40 -7.26
C ARG A 24 13.18 34.26 -8.25
N ALA A 25 12.06 34.86 -7.89
CA ALA A 25 10.90 34.87 -8.75
C ALA A 25 10.93 36.10 -9.68
N SER A 26 10.61 35.90 -10.96
CA SER A 26 10.60 36.92 -12.01
C SER A 26 9.48 37.98 -11.80
N GLN A 27 8.45 37.61 -11.04
CA GLN A 27 7.31 38.47 -10.73
C GLN A 27 6.99 38.44 -9.24
N GLY A 28 6.51 39.56 -8.67
CA GLY A 28 6.19 39.59 -7.25
C GLY A 28 5.20 38.49 -6.93
N ILE A 29 5.51 37.63 -5.97
CA ILE A 29 4.60 36.52 -5.67
C ILE A 29 4.16 36.53 -4.22
N ARG A 30 4.37 37.67 -3.58
CA ARG A 30 3.99 37.91 -2.19
C ARG A 30 4.67 36.80 -1.38
N ASN A 31 3.91 36.06 -0.60
CA ASN A 31 4.51 34.94 0.12
C ASN A 31 3.97 33.58 -0.37
N ASP A 32 3.43 33.53 -1.59
CA ASP A 32 2.89 32.26 -2.05
C ASP A 32 4.04 31.43 -2.61
N LEU A 33 4.73 30.72 -1.70
CA LEU A 33 5.86 29.86 -2.07
C LEU A 33 6.16 28.82 -1.01
N GLY A 34 6.64 27.66 -1.46
CA GLY A 34 6.99 26.60 -0.56
C GLY A 34 8.26 25.90 -1.01
N TRP A 35 8.97 25.32 -0.05
CA TRP A 35 10.20 24.61 -0.35
C TRP A 35 9.91 23.12 -0.23
N TYR A 36 10.58 22.31 -1.05
CA TYR A 36 10.31 20.89 -1.07
C TYR A 36 11.58 20.08 -1.01
N GLN A 37 11.52 18.96 -0.34
CA GLN A 37 12.62 18.04 -0.31
C GLN A 37 12.18 16.80 -1.04
N GLN A 38 13.03 16.27 -1.90
CA GLN A 38 12.70 15.01 -2.56
C GLN A 38 13.89 14.07 -2.38
N LYS A 39 13.65 12.98 -1.65
CA LYS A 39 14.63 11.91 -1.45
C LYS A 39 14.57 11.01 -2.68
N PRO A 40 15.71 10.41 -3.06
CA PRO A 40 15.76 9.58 -4.26
C PRO A 40 14.71 8.50 -4.35
N GLY A 41 13.95 8.47 -5.45
CA GLY A 41 13.01 7.39 -5.62
C GLY A 41 11.70 7.70 -4.93
N LYS A 42 11.65 8.87 -4.29
CA LYS A 42 10.48 9.30 -3.54
C LYS A 42 9.91 10.61 -4.02
N ALA A 43 8.66 10.82 -3.65
CA ALA A 43 7.91 12.01 -3.96
C ALA A 43 8.33 13.25 -3.15
N PRO A 44 8.20 14.42 -3.75
CA PRO A 44 8.51 15.67 -3.05
C PRO A 44 7.76 15.72 -1.73
N LYS A 45 8.26 16.46 -0.74
CA LYS A 45 7.63 16.55 0.56
C LYS A 45 7.83 17.98 1.05
N ARG A 46 6.74 18.72 1.21
CA ARG A 46 6.86 20.12 1.53
C ARG A 46 7.44 20.29 2.93
N LEU A 47 8.40 21.22 3.07
CA LEU A 47 9.03 21.55 4.34
C LEU A 47 8.60 22.93 4.82
N ILE A 48 8.68 23.91 3.93
CA ILE A 48 8.32 25.27 4.29
C ILE A 48 7.14 25.67 3.46
N TYR A 49 6.16 26.29 4.09
CA TYR A 49 5.00 26.76 3.39
C TYR A 49 4.78 28.22 3.75
N ALA A 50 4.19 28.98 2.84
CA ALA A 50 3.98 30.39 3.01
C ALA A 50 5.32 31.08 3.15
N ALA A 51 6.30 30.58 2.43
CA ALA A 51 7.59 31.19 2.42
C ALA A 51 8.38 30.94 3.68
N SER A 52 7.84 31.28 4.84
CA SER A 52 8.59 31.13 6.07
C SER A 52 8.04 30.21 7.14
N SER A 53 6.87 29.63 6.92
CA SER A 53 6.29 28.74 7.90
C SER A 53 6.89 27.36 7.74
N LEU A 54 7.02 26.64 8.85
CA LEU A 54 7.60 25.30 8.87
C LEU A 54 6.54 24.19 8.98
N GLU A 55 6.56 23.22 8.08
CA GLU A 55 5.56 22.17 8.20
C GLU A 55 5.73 21.43 9.53
N SER A 56 4.61 20.95 10.06
CA SER A 56 4.57 20.24 11.32
C SER A 56 5.32 18.93 11.19
N GLY A 57 6.28 18.70 12.08
CA GLY A 57 7.05 17.47 12.11
C GLY A 57 8.33 17.52 11.30
N VAL A 58 8.79 18.74 11.04
CA VAL A 58 10.02 18.94 10.32
C VAL A 58 11.02 19.56 11.29
N PRO A 59 12.27 19.08 11.24
CA PRO A 59 13.38 19.51 12.08
C PRO A 59 13.44 21.02 12.18
N SER A 60 13.91 21.52 13.31
CA SER A 60 13.94 22.95 13.53
C SER A 60 15.11 23.62 12.84
N ARG A 61 15.91 22.84 12.13
CA ARG A 61 17.05 23.40 11.41
C ARG A 61 16.68 23.96 10.04
N PHE A 62 15.49 23.60 9.56
CA PHE A 62 14.94 24.13 8.30
C PHE A 62 14.11 25.40 8.55
N SER A 63 14.45 26.46 7.80
CA SER A 63 13.73 27.72 7.88
C SER A 63 13.73 28.45 6.53
N GLY A 64 12.56 28.99 6.15
CA GLY A 64 12.48 29.79 4.95
C GLY A 64 12.30 31.26 5.25
N SER A 65 12.61 32.12 4.28
CA SER A 65 12.46 33.54 4.49
C SER A 65 12.27 34.31 3.18
N GLY A 66 11.99 35.60 3.30
CA GLY A 66 11.80 36.43 2.13
C GLY A 66 10.34 36.59 1.73
N SER A 67 10.05 37.57 0.88
CA SER A 67 8.70 37.78 0.39
C SER A 67 8.75 38.59 -0.87
N GLY A 68 7.72 38.48 -1.69
CA GLY A 68 7.72 39.23 -2.92
C GLY A 68 8.47 38.51 -4.00
N THR A 69 9.71 38.94 -4.20
CA THR A 69 10.57 38.47 -5.26
C THR A 69 11.80 37.63 -4.84
N GLU A 70 12.24 37.75 -3.60
CA GLU A 70 13.44 37.04 -3.13
C GLU A 70 13.09 36.06 -1.99
N PHE A 71 13.53 34.81 -2.08
CA PHE A 71 13.21 33.83 -1.03
C PHE A 71 14.43 33.00 -0.71
N THR A 72 14.49 32.51 0.51
CA THR A 72 15.64 31.73 0.92
C THR A 72 15.31 30.55 1.78
N LEU A 73 15.94 29.43 1.43
CA LEU A 73 15.85 28.24 2.25
C LEU A 73 17.17 28.01 2.99
N THR A 74 17.05 27.76 4.28
CA THR A 74 18.23 27.61 5.12
C THR A 74 18.20 26.33 5.92
N ILE A 75 19.35 25.67 5.98
CA ILE A 75 19.50 24.54 6.89
C ILE A 75 20.65 24.91 7.79
N SER A 76 20.35 25.25 9.04
CA SER A 76 21.38 25.77 9.98
C SER A 76 22.60 24.84 10.12
N SER A 77 22.36 23.53 10.18
CA SER A 77 23.46 22.57 10.24
C SER A 77 23.06 21.33 9.47
N VAL A 78 23.61 21.18 8.26
CA VAL A 78 23.23 20.06 7.42
C VAL A 78 23.39 18.72 8.13
N GLN A 79 22.42 17.84 7.92
CA GLN A 79 22.46 16.52 8.52
C GLN A 79 22.58 15.45 7.43
N PRO A 80 23.16 14.30 7.76
CA PRO A 80 23.43 13.23 6.79
C PRO A 80 22.27 12.85 5.90
N GLU A 81 21.06 12.95 6.42
CA GLU A 81 19.89 12.57 5.64
C GLU A 81 19.36 13.74 4.85
N ASP A 82 19.91 14.92 5.11
CA ASP A 82 19.47 16.11 4.40
C ASP A 82 20.14 16.26 3.02
N PHE A 83 21.18 15.45 2.73
CA PHE A 83 21.91 15.60 1.46
C PHE A 83 21.14 14.98 0.28
N VAL A 84 20.22 15.76 -0.27
CA VAL A 84 19.26 15.31 -1.28
C VAL A 84 18.81 16.56 -2.00
N THR A 85 17.83 16.41 -2.87
CA THR A 85 17.38 17.50 -3.71
C THR A 85 16.27 18.34 -3.05
N TYR A 86 16.32 19.64 -3.36
CA TYR A 86 15.37 20.61 -2.82
C TYR A 86 14.79 21.49 -3.93
N TYR A 87 13.49 21.74 -3.85
CA TYR A 87 12.79 22.57 -4.83
C TYR A 87 11.95 23.70 -4.24
N CYS A 88 11.91 24.82 -4.93
CA CYS A 88 10.98 25.86 -4.54
C CYS A 88 9.82 25.83 -5.54
N LEU A 89 8.63 26.12 -5.04
CA LEU A 89 7.41 26.10 -5.84
C LEU A 89 6.62 27.39 -5.59
N GLN A 90 6.22 28.07 -6.65
CA GLN A 90 5.41 29.27 -6.58
C GLN A 90 3.94 28.95 -6.90
N HIS A 91 3.01 29.32 -6.01
CA HIS A 91 1.59 29.05 -6.28
C HIS A 91 0.77 30.36 -6.43
N ASN A 92 1.47 31.42 -6.84
CA ASN A 92 0.84 32.72 -6.99
C ASN A 92 0.00 32.82 -8.29
N SER A 93 0.52 32.32 -9.40
CA SER A 93 -0.15 32.41 -10.69
C SER A 93 -0.01 31.16 -11.52
N ASN A 94 -1.03 30.83 -12.31
CA ASN A 94 -0.95 29.75 -13.28
C ASN A 94 -0.17 30.19 -14.51
N PRO A 95 0.72 29.33 -15.17
CA PRO A 95 0.90 28.01 -14.56
C PRO A 95 1.79 28.03 -13.34
N LEU A 96 1.72 27.03 -12.50
CA LEU A 96 2.63 26.94 -11.38
C LEU A 96 4.03 26.56 -11.82
N THR A 97 5.04 27.12 -11.18
CA THR A 97 6.39 26.91 -11.62
C THR A 97 7.35 26.48 -10.50
N PHE A 98 8.25 25.55 -10.81
CA PHE A 98 9.29 25.14 -9.86
C PHE A 98 10.67 25.69 -10.20
N GLY A 99 11.53 25.78 -9.20
CA GLY A 99 12.91 26.09 -9.53
C GLY A 99 13.58 24.86 -10.13
N GLY A 100 14.74 25.05 -10.74
CA GLY A 100 15.49 23.99 -11.36
C GLY A 100 15.90 22.94 -10.32
N GLY A 101 15.99 23.33 -9.05
CA GLY A 101 16.38 22.37 -8.05
C GLY A 101 17.81 22.48 -7.58
N THR A 102 18.05 21.98 -6.39
CA THR A 102 19.37 21.99 -5.81
C THR A 102 19.74 20.63 -5.24
N LYS A 103 20.86 20.08 -5.71
CA LYS A 103 21.32 18.79 -5.25
C LYS A 103 22.41 19.05 -4.22
N VAL A 104 22.14 18.72 -2.97
CA VAL A 104 23.13 18.96 -1.94
C VAL A 104 24.04 17.77 -1.73
N GLU A 105 25.30 17.96 -2.06
CA GLU A 105 26.29 16.91 -2.02
C GLU A 105 27.26 17.13 -0.88
N ILE A 106 27.53 16.05 -0.17
CA ILE A 106 28.52 15.98 0.88
C ILE A 106 29.97 15.97 0.37
N LYS A 107 30.81 16.79 0.97
CA LYS A 107 32.20 16.95 0.52
C LYS A 107 33.26 16.17 1.28
N ARG A 108 34.26 15.73 0.52
CA ARG A 108 35.35 14.95 1.08
C ARG A 108 36.60 15.47 0.38
N THR A 109 37.73 14.79 0.57
CA THR A 109 38.96 15.13 -0.12
C THR A 109 38.97 14.71 -1.59
N VAL A 110 39.83 15.31 -2.40
CA VAL A 110 39.91 14.90 -3.80
C VAL A 110 40.40 13.46 -3.88
N ALA A 111 39.91 12.73 -4.88
CA ALA A 111 40.29 11.34 -5.06
C ALA A 111 40.39 11.04 -6.53
N ALA A 112 41.59 10.78 -7.02
CA ALA A 112 41.75 10.43 -8.41
C ALA A 112 41.04 9.09 -8.62
N PRO A 113 40.38 8.93 -9.79
CA PRO A 113 39.69 7.66 -10.08
C PRO A 113 40.65 6.59 -10.54
N SER A 114 40.43 5.35 -10.12
CA SER A 114 41.13 4.21 -10.67
C SER A 114 40.42 3.69 -11.93
N VAL A 115 41.13 3.72 -13.05
CA VAL A 115 40.59 3.38 -14.38
C VAL A 115 40.89 1.95 -14.93
N PHE A 116 39.88 1.34 -15.53
CA PHE A 116 39.95 0.01 -16.16
C PHE A 116 39.26 0.01 -17.51
N ILE A 117 39.82 -0.76 -18.44
CA ILE A 117 39.23 -0.85 -19.77
C ILE A 117 38.92 -2.30 -20.12
N PHE A 118 37.71 -2.53 -20.63
CA PHE A 118 37.26 -3.88 -20.99
C PHE A 118 36.92 -3.98 -22.47
N PRO A 119 37.65 -4.83 -23.20
CA PRO A 119 37.36 -5.13 -24.61
C PRO A 119 36.07 -5.95 -24.78
N PRO A 120 35.52 -5.96 -26.00
CA PRO A 120 34.32 -6.74 -26.30
C PRO A 120 34.48 -8.20 -25.96
N SER A 121 33.39 -8.82 -25.52
CA SER A 121 33.38 -10.23 -25.18
C SER A 121 33.13 -11.06 -26.42
N ASP A 122 33.92 -12.11 -26.57
CA ASP A 122 33.80 -12.97 -27.72
C ASP A 122 32.33 -13.31 -28.05
N GLU A 123 31.54 -13.64 -27.03
CA GLU A 123 30.12 -13.99 -27.22
C GLU A 123 29.28 -12.91 -27.90
N GLN A 124 29.63 -11.65 -27.63
CA GLN A 124 28.91 -10.53 -28.21
C GLN A 124 29.30 -10.42 -29.67
N LEU A 125 30.60 -10.42 -29.93
CA LEU A 125 31.09 -10.33 -31.30
C LEU A 125 30.33 -11.31 -32.18
N LYS A 126 29.95 -12.46 -31.61
CA LYS A 126 29.19 -13.47 -32.35
C LYS A 126 27.84 -12.90 -32.81
N SER A 127 27.40 -11.83 -32.13
CA SER A 127 26.13 -11.18 -32.41
C SER A 127 26.22 -10.13 -33.51
N GLY A 128 27.39 -9.54 -33.65
CA GLY A 128 27.62 -8.56 -34.69
C GLY A 128 27.89 -7.18 -34.13
N THR A 129 27.90 -7.06 -32.80
CA THR A 129 28.17 -5.77 -32.16
C THR A 129 29.27 -5.88 -31.11
N ALA A 130 29.92 -4.75 -30.85
CA ALA A 130 31.04 -4.69 -29.92
C ALA A 130 30.97 -3.52 -28.94
N SER A 131 30.97 -3.86 -27.66
CA SER A 131 30.92 -2.85 -26.63
C SER A 131 32.26 -2.71 -25.87
N VAL A 132 32.83 -1.52 -25.89
CA VAL A 132 34.05 -1.28 -25.13
C VAL A 132 33.72 -0.41 -23.94
N VAL A 133 33.89 -0.94 -22.75
CA VAL A 133 33.49 -0.18 -21.57
C VAL A 133 34.71 0.37 -20.86
N CYS A 134 34.57 1.55 -20.29
CA CYS A 134 35.67 2.15 -19.57
C CYS A 134 35.12 2.52 -18.19
N LEU A 135 35.80 2.08 -17.13
CA LEU A 135 35.35 2.29 -15.76
C LEU A 135 36.21 3.27 -14.98
N LEU A 136 35.60 4.36 -14.52
CA LEU A 136 36.25 5.29 -13.62
C LEU A 136 35.74 5.02 -12.21
N ASN A 137 36.60 4.45 -11.38
CA ASN A 137 36.22 3.92 -10.08
C ASN A 137 36.60 4.77 -8.85
N ASN A 138 35.61 4.99 -7.99
CA ASN A 138 35.74 5.69 -6.72
C ASN A 138 36.57 6.97 -6.79
N PHE A 139 36.05 7.98 -7.48
CA PHE A 139 36.75 9.26 -7.58
C PHE A 139 35.95 10.39 -6.98
N TYR A 140 36.53 11.58 -7.05
CA TYR A 140 35.90 12.75 -6.48
C TYR A 140 36.71 14.01 -6.80
N PRO A 141 36.04 15.13 -7.12
CA PRO A 141 34.59 15.29 -7.15
C PRO A 141 33.97 14.69 -8.41
N ARG A 142 32.65 14.81 -8.56
CA ARG A 142 31.97 14.19 -9.69
C ARG A 142 32.51 14.55 -11.06
N GLU A 143 32.88 15.81 -11.24
CA GLU A 143 33.35 16.30 -12.53
C GLU A 143 34.46 15.41 -13.07
N ALA A 144 34.22 14.83 -14.24
CA ALA A 144 35.20 13.94 -14.86
C ALA A 144 35.02 14.02 -16.38
N LYS A 145 36.10 13.79 -17.12
CA LYS A 145 36.05 13.87 -18.57
C LYS A 145 36.64 12.64 -19.28
N VAL A 146 35.78 11.89 -19.95
CA VAL A 146 36.20 10.69 -20.65
C VAL A 146 36.19 10.86 -22.15
N GLN A 147 37.28 10.43 -22.77
CA GLN A 147 37.46 10.57 -24.20
C GLN A 147 37.95 9.27 -24.81
N TRP A 148 37.33 8.90 -25.93
CA TRP A 148 37.70 7.70 -26.67
C TRP A 148 38.53 8.01 -27.90
N LYS A 149 39.47 7.11 -28.18
CA LYS A 149 40.33 7.22 -29.35
C LYS A 149 40.52 5.79 -29.84
N VAL A 150 40.28 5.59 -31.13
CA VAL A 150 40.63 4.34 -31.77
C VAL A 150 41.62 4.68 -32.89
N ASP A 151 42.81 4.11 -32.81
CA ASP A 151 43.88 4.55 -33.70
C ASP A 151 44.16 6.04 -33.44
N ASN A 152 44.11 6.44 -32.17
CA ASN A 152 44.27 7.84 -31.77
C ASN A 152 43.32 8.80 -32.48
N ALA A 153 42.19 8.27 -32.92
CA ALA A 153 41.15 9.08 -33.54
C ALA A 153 40.03 9.41 -32.56
N LEU A 154 39.98 10.65 -32.09
CA LEU A 154 38.98 11.06 -31.11
C LEU A 154 37.57 10.69 -31.56
N GLN A 155 36.85 9.92 -30.73
CA GLN A 155 35.50 9.49 -31.06
C GLN A 155 34.44 10.44 -30.52
N SER A 156 33.35 10.60 -31.27
CA SER A 156 32.28 11.48 -30.84
C SER A 156 30.90 11.01 -31.31
N GLY A 157 29.97 10.86 -30.37
CA GLY A 157 28.63 10.48 -30.74
C GLY A 157 28.32 9.01 -30.58
N ASN A 158 29.36 8.23 -30.30
CA ASN A 158 29.23 6.77 -30.17
C ASN A 158 29.35 6.24 -28.75
N SER A 159 29.26 7.12 -27.76
CA SER A 159 29.33 6.65 -26.39
C SER A 159 28.27 7.21 -25.48
N GLN A 160 28.10 6.55 -24.34
CA GLN A 160 27.16 7.02 -23.35
C GLN A 160 27.81 6.77 -22.02
N GLU A 161 27.51 7.64 -21.07
CA GLU A 161 28.06 7.58 -19.74
C GLU A 161 26.98 7.27 -18.74
N SER A 162 27.38 6.90 -17.54
CA SER A 162 26.41 6.68 -16.50
C SER A 162 27.19 6.79 -15.19
N VAL A 163 26.62 7.50 -14.24
CA VAL A 163 27.32 7.73 -12.98
C VAL A 163 26.47 7.24 -11.81
N THR A 164 27.13 6.65 -10.82
CA THR A 164 26.43 6.12 -9.66
C THR A 164 26.20 7.26 -8.71
N GLU A 165 25.21 7.13 -7.83
CA GLU A 165 25.03 8.13 -6.79
C GLU A 165 26.23 8.10 -5.86
N GLN A 166 26.47 9.22 -5.19
CA GLN A 166 27.59 9.34 -4.26
C GLN A 166 27.52 8.24 -3.21
N ASP A 167 28.63 7.55 -3.03
CA ASP A 167 28.72 6.43 -2.11
C ASP A 167 28.49 6.77 -0.63
N SER A 168 27.72 5.93 0.04
CA SER A 168 27.46 6.14 1.45
C SER A 168 28.72 5.95 2.30
N LYS A 169 29.53 4.96 2.00
CA LYS A 169 30.76 4.78 2.75
C LYS A 169 31.95 5.75 2.52
N ASP A 170 32.37 5.96 1.27
CA ASP A 170 33.47 6.89 1.02
C ASP A 170 33.08 8.20 0.33
N SER A 171 31.82 8.30 -0.06
CA SER A 171 31.39 9.54 -0.69
C SER A 171 32.07 9.80 -2.01
N THR A 172 32.29 8.76 -2.81
CA THR A 172 32.94 8.97 -4.09
C THR A 172 31.93 8.72 -5.22
N TYR A 173 32.38 8.97 -6.43
CA TYR A 173 31.56 8.74 -7.60
C TYR A 173 32.32 7.75 -8.45
N SER A 174 31.61 7.02 -9.28
CA SER A 174 32.25 6.09 -10.20
C SER A 174 31.46 6.16 -11.49
N LEU A 175 32.12 6.18 -12.63
CA LEU A 175 31.32 6.22 -13.85
C LEU A 175 31.75 5.17 -14.86
N SER A 176 30.76 4.69 -15.60
CA SER A 176 30.96 3.74 -16.68
C SER A 176 30.63 4.45 -17.98
N SER A 177 31.48 4.30 -18.99
CA SER A 177 31.28 4.92 -20.30
C SER A 177 31.37 3.90 -21.43
N THR A 178 30.27 3.66 -22.12
CA THR A 178 30.27 2.64 -23.17
C THR A 178 30.39 3.15 -24.62
N LEU A 179 31.58 2.98 -25.22
CA LEU A 179 31.76 3.25 -26.64
C LEU A 179 31.32 2.03 -27.47
N THR A 180 30.30 2.20 -28.31
CA THR A 180 29.72 1.09 -29.06
C THR A 180 29.88 1.31 -30.57
N LEU A 181 30.15 0.24 -31.32
CA LEU A 181 30.30 0.31 -32.77
C LEU A 181 30.17 -1.07 -33.39
N SER A 182 30.21 -1.15 -34.72
CA SER A 182 30.00 -2.43 -35.37
C SER A 182 31.23 -3.33 -35.37
N LYS A 183 30.99 -4.63 -35.47
CA LYS A 183 32.05 -5.62 -35.49
C LYS A 183 33.00 -5.25 -36.62
N ALA A 184 32.47 -4.63 -37.65
CA ALA A 184 33.29 -4.24 -38.79
C ALA A 184 34.23 -3.12 -38.37
N ASP A 185 33.70 -2.00 -37.90
CA ASP A 185 34.58 -0.92 -37.47
C ASP A 185 35.53 -1.45 -36.42
N TYR A 186 35.01 -2.35 -35.58
CA TYR A 186 35.80 -2.91 -34.50
C TYR A 186 36.87 -3.86 -35.01
N GLU A 187 36.64 -4.43 -36.19
CA GLU A 187 37.53 -5.45 -36.68
C GLU A 187 38.43 -4.96 -37.79
N LYS A 188 38.37 -3.66 -38.07
CA LYS A 188 39.32 -3.10 -38.99
C LYS A 188 40.26 -2.15 -38.27
N HIS A 189 39.86 -1.75 -37.07
CA HIS A 189 40.74 -0.92 -36.29
C HIS A 189 41.63 -1.80 -35.44
N LYS A 190 42.61 -1.19 -34.82
CA LYS A 190 43.72 -1.92 -34.21
C LYS A 190 43.77 -1.73 -32.70
N VAL A 191 43.94 -0.49 -32.27
CA VAL A 191 44.09 -0.18 -30.86
C VAL A 191 43.02 0.78 -30.32
N TYR A 192 42.40 0.36 -29.23
CA TYR A 192 41.33 1.07 -28.55
C TYR A 192 41.73 1.70 -27.21
N ALA A 193 41.64 3.03 -27.08
CA ALA A 193 42.14 3.71 -25.88
C ALA A 193 41.10 4.59 -25.17
N CYS A 194 41.10 4.52 -23.84
CA CYS A 194 40.25 5.36 -22.99
C CYS A 194 41.03 6.40 -22.17
N GLU A 195 40.93 7.68 -22.51
CA GLU A 195 41.68 8.74 -21.82
C GLU A 195 40.79 9.48 -20.82
N VAL A 196 41.19 9.48 -19.55
CA VAL A 196 40.42 10.13 -18.49
C VAL A 196 41.03 11.41 -17.95
N THR A 197 40.21 12.45 -17.93
CA THR A 197 40.63 13.72 -17.36
C THR A 197 39.89 14.07 -16.09
N HIS A 198 40.65 14.24 -15.00
CA HIS A 198 40.07 14.50 -13.69
C HIS A 198 40.96 15.46 -12.90
N GLN A 199 40.46 15.93 -11.77
CA GLN A 199 41.18 16.85 -10.90
C GLN A 199 42.24 16.22 -10.01
N GLY A 200 41.87 15.13 -9.35
CA GLY A 200 42.74 14.36 -8.49
C GLY A 200 43.94 13.86 -9.26
N LEU A 201 43.89 14.11 -10.55
CA LEU A 201 44.97 13.77 -11.45
C LEU A 201 45.82 15.01 -11.69
N SER A 202 46.83 14.83 -12.52
CA SER A 202 47.67 15.91 -12.96
C SER A 202 47.70 15.76 -14.46
N SER A 203 48.23 14.63 -14.91
CA SER A 203 48.32 14.30 -16.32
C SER A 203 47.21 13.32 -16.71
N PRO A 204 46.51 13.60 -17.80
CA PRO A 204 45.40 12.78 -18.29
C PRO A 204 45.88 11.34 -18.40
N VAL A 205 45.10 10.41 -17.85
CA VAL A 205 45.43 8.99 -17.86
C VAL A 205 44.80 8.26 -19.04
N THR A 206 45.55 7.29 -19.57
CA THR A 206 45.14 6.48 -20.72
C THR A 206 45.38 4.97 -20.57
N LYS A 207 44.29 4.22 -20.58
CA LYS A 207 44.36 2.76 -20.44
C LYS A 207 44.02 2.15 -21.79
N SER A 208 45.01 1.52 -22.42
CA SER A 208 44.83 1.02 -23.78
C SER A 208 44.97 -0.50 -23.92
N PHE A 209 43.96 -1.12 -24.53
CA PHE A 209 44.00 -2.50 -24.98
C PHE A 209 44.04 -2.46 -26.49
N ASN A 210 44.50 -3.54 -27.12
CA ASN A 210 44.65 -3.54 -28.57
C ASN A 210 43.79 -4.69 -29.08
N ARG A 211 43.44 -4.67 -30.36
CA ARG A 211 42.88 -5.87 -30.98
C ARG A 211 43.70 -7.12 -30.68
N GLY A 212 42.98 -8.23 -30.54
CA GLY A 212 43.56 -9.53 -30.23
C GLY A 212 43.14 -9.84 -28.80
N GLU A 213 42.24 -8.99 -28.29
CA GLU A 213 41.54 -9.16 -27.02
C GLU A 213 42.52 -9.18 -25.85
N CYS A 214 43.75 -8.74 -26.12
CA CYS A 214 44.81 -8.61 -25.13
C CYS A 214 44.39 -7.83 -23.89
N GLN B 1 -4.15 9.65 8.86
CA GLN B 1 -3.35 9.31 7.69
C GLN B 1 -4.05 9.77 6.39
N VAL B 2 -3.69 10.97 5.98
CA VAL B 2 -4.15 11.63 4.76
C VAL B 2 -3.34 11.11 3.58
N GLN B 3 -3.98 10.49 2.59
CA GLN B 3 -3.14 9.90 1.55
C GLN B 3 -3.68 10.06 0.13
N LEU B 4 -2.76 9.99 -0.82
CA LEU B 4 -3.08 10.04 -2.23
C LEU B 4 -2.43 8.80 -2.83
N VAL B 5 -3.13 8.05 -3.67
CA VAL B 5 -2.53 6.86 -4.26
C VAL B 5 -2.78 6.84 -5.78
N GLU B 6 -1.69 6.87 -6.54
CA GLU B 6 -1.77 6.85 -8.03
C GLU B 6 -1.52 5.53 -8.72
N SER B 7 -2.36 5.30 -9.71
CA SER B 7 -2.22 4.10 -10.51
C SER B 7 -2.46 4.42 -11.97
N GLY B 8 -2.28 3.40 -12.82
CA GLY B 8 -2.48 3.55 -14.25
C GLY B 8 -1.25 3.70 -15.13
N GLY B 9 -0.07 3.81 -14.52
CA GLY B 9 1.15 3.96 -15.28
C GLY B 9 1.57 2.73 -16.09
N GLY B 10 2.43 2.94 -17.08
CA GLY B 10 2.95 1.86 -17.91
C GLY B 10 3.66 2.29 -19.19
N VAL B 11 3.77 1.36 -20.12
CA VAL B 11 4.41 1.62 -21.41
C VAL B 11 3.30 1.87 -22.40
N VAL B 12 3.44 2.93 -23.16
CA VAL B 12 2.43 3.24 -24.13
C VAL B 12 3.13 3.84 -25.32
N GLN B 13 2.63 3.50 -26.49
CA GLN B 13 3.27 3.94 -27.70
C GLN B 13 2.87 5.36 -28.00
N PRO B 14 3.79 6.10 -28.60
CA PRO B 14 3.52 7.50 -28.96
C PRO B 14 2.31 7.60 -29.86
N GLY B 15 1.42 8.53 -29.59
CA GLY B 15 0.19 8.67 -30.39
C GLY B 15 -1.03 8.15 -29.67
N ARG B 16 -0.80 7.08 -28.91
CA ARG B 16 -1.78 6.41 -28.09
C ARG B 16 -2.06 7.12 -26.75
N SER B 17 -3.11 6.65 -26.08
CA SER B 17 -3.62 7.26 -24.86
C SER B 17 -3.56 6.43 -23.58
N LEU B 18 -3.49 7.13 -22.47
CA LEU B 18 -3.41 6.51 -21.16
C LEU B 18 -4.35 7.22 -20.21
N ARG B 19 -4.85 6.55 -19.17
CA ARG B 19 -5.66 7.25 -18.18
C ARG B 19 -5.00 7.04 -16.83
N LEU B 20 -4.73 8.13 -16.13
CA LEU B 20 -4.13 8.00 -14.80
C LEU B 20 -5.17 8.19 -13.71
N SER B 21 -4.93 7.55 -12.58
CA SER B 21 -5.86 7.72 -11.48
C SER B 21 -5.18 8.07 -10.17
N CYS B 22 -5.90 8.80 -9.34
CA CYS B 22 -5.37 9.22 -8.05
C CYS B 22 -6.50 9.06 -7.08
N ALA B 23 -6.37 8.06 -6.23
CA ALA B 23 -7.36 7.73 -5.23
C ALA B 23 -7.00 8.49 -3.97
N ALA B 24 -8.00 9.03 -3.30
CA ALA B 24 -7.76 9.79 -2.11
C ALA B 24 -8.43 9.18 -0.90
N SER B 25 -7.82 9.39 0.26
CA SER B 25 -8.45 8.94 1.47
C SER B 25 -7.92 9.73 2.65
N GLY B 26 -8.69 9.65 3.73
CA GLY B 26 -8.37 10.33 4.96
C GLY B 26 -9.00 11.71 4.94
N PHE B 27 -9.43 12.18 3.76
CA PHE B 27 -10.08 13.49 3.68
C PHE B 27 -11.24 13.61 2.67
N THR B 28 -11.96 14.73 2.80
CA THR B 28 -13.09 15.07 1.94
C THR B 28 -12.56 15.65 0.64
N PHE B 29 -12.58 14.81 -0.38
CA PHE B 29 -11.99 15.13 -1.67
C PHE B 29 -12.56 16.41 -2.32
N SER B 30 -13.87 16.62 -2.18
CA SER B 30 -14.57 17.71 -2.85
C SER B 30 -14.17 19.13 -2.46
N SER B 31 -13.60 19.27 -1.28
CA SER B 31 -13.37 20.60 -0.71
C SER B 31 -12.01 21.11 -1.07
N TYR B 32 -11.32 20.40 -1.96
CA TYR B 32 -9.95 20.74 -2.35
C TYR B 32 -9.67 20.79 -3.85
N GLY B 33 -8.69 21.61 -4.26
CA GLY B 33 -8.20 21.62 -5.61
C GLY B 33 -7.13 20.54 -5.81
N MET B 34 -7.15 19.83 -6.95
CA MET B 34 -6.19 18.74 -7.20
C MET B 34 -5.24 19.06 -8.34
N HIS B 35 -3.96 18.70 -8.20
CA HIS B 35 -3.00 18.98 -9.26
C HIS B 35 -2.35 17.75 -9.81
N TRP B 36 -1.82 17.82 -11.02
CA TRP B 36 -0.89 16.82 -11.52
C TRP B 36 0.50 17.44 -11.77
N VAL B 37 1.54 16.78 -11.27
CA VAL B 37 2.93 17.17 -11.52
C VAL B 37 3.70 15.96 -12.05
N ARG B 38 4.59 16.20 -13.01
CA ARG B 38 5.39 15.11 -13.55
C ARG B 38 6.88 15.44 -13.50
N GLN B 39 7.68 14.40 -13.68
CA GLN B 39 9.12 14.56 -13.65
C GLN B 39 9.79 13.62 -14.62
N ALA B 40 10.35 14.18 -15.68
CA ALA B 40 11.09 13.38 -16.65
C ALA B 40 12.27 12.72 -15.91
N PRO B 41 12.67 11.53 -16.33
CA PRO B 41 13.68 10.71 -15.64
C PRO B 41 14.83 11.37 -14.88
N GLY B 42 15.60 12.28 -15.46
CA GLY B 42 16.74 12.84 -14.75
C GLY B 42 16.60 14.33 -14.50
N LYS B 43 15.37 14.78 -14.65
CA LYS B 43 15.06 16.18 -14.57
C LYS B 43 14.31 16.57 -13.32
N GLY B 44 13.96 17.85 -13.28
CA GLY B 44 13.27 18.41 -12.15
C GLY B 44 11.77 18.26 -12.32
N LEU B 45 11.05 19.03 -11.52
CA LEU B 45 9.61 19.02 -11.46
C LEU B 45 8.95 19.97 -12.44
N GLU B 46 7.82 19.54 -12.98
CA GLU B 46 7.05 20.34 -13.91
C GLU B 46 5.56 20.14 -13.58
N TRP B 47 4.89 21.27 -13.38
CA TRP B 47 3.46 21.33 -13.13
C TRP B 47 2.77 21.07 -14.43
N VAL B 48 1.70 20.28 -14.37
CA VAL B 48 0.98 19.87 -15.57
C VAL B 48 -0.47 20.31 -15.67
N ALA B 49 -1.26 20.07 -14.63
CA ALA B 49 -2.68 20.41 -14.68
C ALA B 49 -3.28 20.65 -13.30
N VAL B 50 -4.47 21.27 -13.26
CA VAL B 50 -5.12 21.54 -11.99
C VAL B 50 -6.64 21.67 -12.15
N MET B 51 -7.41 20.91 -11.40
CA MET B 51 -8.82 21.28 -11.32
C MET B 51 -9.38 21.67 -9.96
N TRP B 52 -10.63 22.14 -9.95
CA TRP B 52 -11.36 22.55 -8.74
C TRP B 52 -12.72 21.85 -8.57
N TYR B 53 -13.57 22.39 -7.71
CA TYR B 53 -14.92 21.86 -7.56
C TYR B 53 -15.81 21.87 -8.80
N ASP B 54 -15.77 22.96 -9.57
CA ASP B 54 -16.92 23.27 -10.44
C ASP B 54 -17.30 22.44 -11.68
N GLY B 55 -16.38 21.82 -12.40
CA GLY B 55 -14.98 22.14 -12.39
C GLY B 55 -14.92 22.98 -13.65
N SER B 56 -14.89 24.29 -13.42
CA SER B 56 -14.93 25.32 -14.45
C SER B 56 -13.59 26.05 -14.45
N ASN B 57 -12.69 25.58 -13.59
CA ASN B 57 -11.41 26.22 -13.39
C ASN B 57 -10.38 25.13 -13.56
N LYS B 58 -10.18 24.76 -14.82
CA LYS B 58 -9.14 23.80 -15.15
C LYS B 58 -8.02 24.48 -15.90
N ASP B 59 -6.81 24.23 -15.43
CA ASP B 59 -5.70 24.76 -16.18
C ASP B 59 -4.69 23.66 -16.44
N TYR B 60 -3.98 23.84 -17.54
CA TYR B 60 -2.99 22.90 -18.03
C TYR B 60 -1.79 23.72 -18.40
N VAL B 61 -0.61 23.13 -18.27
CA VAL B 61 0.64 23.69 -18.79
C VAL B 61 0.54 23.70 -20.31
N ASP B 62 1.11 24.72 -20.97
CA ASP B 62 0.97 24.89 -22.43
C ASP B 62 1.22 23.61 -23.21
N SER B 63 2.30 22.90 -22.95
CA SER B 63 2.66 21.71 -23.72
C SER B 63 1.62 20.57 -23.72
N VAL B 64 0.58 20.63 -22.87
CA VAL B 64 -0.44 19.55 -22.81
C VAL B 64 -1.84 20.08 -23.17
N LYS B 65 -1.96 21.38 -23.38
CA LYS B 65 -3.24 21.96 -23.76
C LYS B 65 -3.75 21.31 -25.04
N GLY B 66 -5.01 20.83 -25.00
CA GLY B 66 -5.67 20.15 -26.10
C GLY B 66 -5.22 18.71 -26.30
N ARG B 67 -4.58 18.17 -25.28
CA ARG B 67 -4.03 16.83 -25.39
C ARG B 67 -4.30 16.03 -24.13
N PHE B 68 -4.19 16.69 -22.98
CA PHE B 68 -4.49 16.09 -21.69
C PHE B 68 -5.78 16.66 -21.15
N THR B 69 -6.51 15.82 -20.44
CA THR B 69 -7.71 16.25 -19.79
C THR B 69 -7.70 15.79 -18.33
N ILE B 70 -7.95 16.72 -17.43
CA ILE B 70 -8.01 16.40 -16.01
C ILE B 70 -9.47 16.29 -15.56
N SER B 71 -9.78 15.27 -14.78
CA SER B 71 -11.15 15.16 -14.30
C SER B 71 -11.19 14.51 -12.91
N ARG B 72 -12.33 14.63 -12.25
CA ARG B 72 -12.45 14.09 -10.90
C ARG B 72 -13.82 13.54 -10.76
N ASP B 73 -13.91 12.42 -10.07
CA ASP B 73 -15.18 11.78 -9.76
C ASP B 73 -15.41 11.88 -8.25
N ASN B 74 -16.21 12.85 -7.83
CA ASN B 74 -16.40 13.08 -6.41
C ASN B 74 -17.16 11.95 -5.70
N SER B 75 -17.96 11.20 -6.45
CA SER B 75 -18.68 10.07 -5.84
C SER B 75 -17.65 9.10 -5.28
N LYS B 76 -16.59 8.85 -6.06
CA LYS B 76 -15.52 7.96 -5.60
C LYS B 76 -14.14 8.56 -5.29
N ASN B 77 -14.11 9.84 -4.92
CA ASN B 77 -12.87 10.54 -4.50
C ASN B 77 -11.65 10.17 -5.32
N THR B 78 -11.74 10.37 -6.62
CA THR B 78 -10.67 10.00 -7.54
C THR B 78 -10.31 11.05 -8.57
N LEU B 79 -9.01 11.28 -8.76
CA LEU B 79 -8.57 12.20 -9.78
C LEU B 79 -8.05 11.47 -11.00
N TYR B 80 -8.37 12.01 -12.17
CA TYR B 80 -7.96 11.37 -13.40
C TYR B 80 -7.12 12.30 -14.23
N LEU B 81 -6.33 11.73 -15.11
CA LEU B 81 -5.63 12.53 -16.08
C LEU B 81 -5.71 11.72 -17.38
N GLN B 82 -6.50 12.22 -18.32
CA GLN B 82 -6.62 11.64 -19.66
C GLN B 82 -5.43 12.10 -20.48
N MET B 83 -4.60 11.17 -20.93
CA MET B 83 -3.47 11.58 -21.75
C MET B 83 -3.64 11.07 -23.18
N ASN B 84 -3.79 11.99 -24.13
CA ASN B 84 -4.02 11.64 -25.52
C ASN B 84 -2.85 12.07 -26.35
N ARG B 85 -2.70 11.45 -27.53
CA ARG B 85 -1.62 11.75 -28.48
C ARG B 85 -0.27 11.88 -27.77
N LEU B 86 0.05 10.84 -27.00
CA LEU B 86 1.26 10.84 -26.18
C LEU B 86 2.52 11.00 -27.02
N ARG B 87 3.58 11.51 -26.42
CA ARG B 87 4.81 11.69 -27.17
C ARG B 87 5.96 11.55 -26.16
N ALA B 88 7.19 11.61 -26.66
CA ALA B 88 8.37 11.36 -25.85
C ALA B 88 8.45 12.20 -24.54
N GLU B 89 8.14 13.49 -24.64
CA GLU B 89 8.26 14.43 -23.53
C GLU B 89 7.28 14.10 -22.40
N ASP B 90 6.36 13.18 -22.66
CA ASP B 90 5.36 12.84 -21.65
C ASP B 90 5.92 11.75 -20.76
N THR B 91 7.00 11.12 -21.22
CA THR B 91 7.69 10.09 -20.44
C THR B 91 8.17 10.69 -19.14
N ALA B 92 7.61 10.21 -18.04
CA ALA B 92 7.95 10.75 -16.73
C ALA B 92 7.23 10.04 -15.59
N VAL B 93 7.60 10.40 -14.36
CA VAL B 93 6.82 9.97 -13.20
C VAL B 93 5.75 11.07 -12.95
N TYR B 94 4.51 10.66 -12.76
CA TYR B 94 3.41 11.59 -12.54
C TYR B 94 2.90 11.54 -11.10
N TYR B 95 2.95 12.68 -10.42
CA TYR B 95 2.43 12.77 -9.07
C TYR B 95 1.12 13.51 -9.07
N CYS B 96 0.33 13.27 -8.03
CA CYS B 96 -0.86 14.04 -7.82
C CYS B 96 -0.75 14.72 -6.49
N ALA B 97 -1.18 15.98 -6.47
CA ALA B 97 -1.07 16.73 -5.26
C ALA B 97 -2.38 17.38 -4.88
N ARG B 98 -2.48 17.70 -3.60
CA ARG B 98 -3.64 18.35 -3.02
C ARG B 98 -3.35 19.85 -2.69
N GLU B 99 -4.34 20.72 -2.85
CA GLU B 99 -4.17 22.10 -2.47
C GLU B 99 -5.44 22.68 -1.85
N LYS B 100 -5.29 23.43 -0.75
CA LYS B 100 -6.46 24.05 -0.13
C LYS B 100 -6.54 25.50 -0.58
N ASP B 101 -7.76 25.96 -0.78
CA ASP B 101 -8.06 27.34 -1.05
C ASP B 101 -9.01 27.87 0.01
N HIS B 102 -9.34 29.16 -0.07
CA HIS B 102 -10.30 29.75 0.86
C HIS B 102 -10.97 30.97 0.20
N TYR B 103 -12.30 31.00 0.24
CA TYR B 103 -13.02 32.15 -0.31
C TYR B 103 -13.47 33.13 0.78
N ASP B 104 -13.01 34.37 0.71
CA ASP B 104 -13.47 35.39 1.64
C ASP B 104 -14.73 36.06 1.12
N ILE B 105 -15.81 35.94 1.88
CA ILE B 105 -17.11 36.45 1.46
C ILE B 105 -17.08 37.96 1.40
N LEU B 106 -16.59 38.55 2.48
CA LEU B 106 -16.54 40.00 2.61
C LEU B 106 -15.71 40.69 1.55
N THR B 107 -14.63 40.03 1.15
CA THR B 107 -13.71 40.69 0.24
C THR B 107 -13.83 40.17 -1.19
N GLY B 108 -14.37 38.96 -1.30
CA GLY B 108 -14.61 38.31 -2.58
C GLY B 108 -13.34 37.73 -3.19
N TYR B 109 -12.23 37.78 -2.44
CA TYR B 109 -10.93 37.22 -2.83
C TYR B 109 -10.84 35.72 -2.65
N ASN B 110 -10.04 35.05 -3.47
CA ASN B 110 -9.75 33.64 -3.28
C ASN B 110 -8.28 33.38 -2.91
N TYR B 111 -8.07 32.74 -1.76
CA TYR B 111 -6.73 32.48 -1.25
C TYR B 111 -6.31 31.00 -1.47
N TYR B 112 -5.09 30.80 -1.99
CA TYR B 112 -4.54 29.47 -2.22
C TYR B 112 -3.30 29.18 -1.34
N TYR B 113 -3.17 27.93 -0.87
CA TYR B 113 -2.13 27.62 0.11
C TYR B 113 -1.02 26.66 -0.38
N GLY B 114 -1.05 26.31 -1.66
CA GLY B 114 -0.02 25.50 -2.30
C GLY B 114 -0.20 23.99 -2.13
N LEU B 115 0.73 23.22 -2.69
CA LEU B 115 0.59 21.75 -2.66
C LEU B 115 1.20 21.10 -1.42
N ASP B 116 0.33 20.53 -0.57
CA ASP B 116 0.76 19.98 0.72
C ASP B 116 0.84 18.45 0.78
N VAL B 117 0.09 17.75 -0.06
CA VAL B 117 0.10 16.29 -0.02
C VAL B 117 0.21 15.65 -1.40
N TRP B 118 1.18 14.76 -1.52
CA TRP B 118 1.42 14.11 -2.79
C TRP B 118 1.15 12.61 -2.69
N GLY B 119 1.22 11.97 -3.84
CA GLY B 119 1.12 10.55 -3.96
C GLY B 119 2.49 10.00 -4.23
N GLN B 120 2.60 8.67 -4.18
CA GLN B 120 3.85 7.97 -4.36
C GLN B 120 4.40 8.20 -5.77
N GLY B 121 3.47 8.35 -6.72
CA GLY B 121 3.76 8.63 -8.12
C GLY B 121 3.49 7.41 -8.96
N THR B 122 3.46 7.58 -10.27
CA THR B 122 3.28 6.44 -11.17
C THR B 122 3.99 6.73 -12.49
N THR B 123 4.69 5.75 -13.03
CA THR B 123 5.56 5.96 -14.18
C THR B 123 4.85 5.80 -15.54
N VAL B 124 5.12 6.72 -16.46
CA VAL B 124 4.63 6.66 -17.83
C VAL B 124 5.84 6.65 -18.75
N THR B 125 5.95 5.61 -19.57
CA THR B 125 7.08 5.44 -20.50
C THR B 125 6.52 5.41 -21.91
N VAL B 126 6.77 6.42 -22.73
CA VAL B 126 6.26 6.37 -24.10
C VAL B 126 7.25 5.74 -25.06
N SER B 127 6.89 4.58 -25.59
CA SER B 127 7.79 3.86 -26.50
C SER B 127 7.18 2.76 -27.36
N SER B 128 7.83 2.48 -28.48
CA SER B 128 7.39 1.44 -29.40
C SER B 128 8.15 0.14 -29.12
N ALA B 129 8.99 0.16 -28.09
CA ALA B 129 9.80 -1.00 -27.74
C ALA B 129 8.95 -2.12 -27.16
N SER B 130 9.35 -3.37 -27.43
CA SER B 130 8.62 -4.51 -26.90
C SER B 130 9.35 -5.12 -25.71
N THR B 131 8.60 -5.79 -24.82
CA THR B 131 9.22 -6.43 -23.67
C THR B 131 10.31 -7.37 -24.18
N LYS B 132 11.52 -7.19 -23.65
CA LYS B 132 12.69 -7.95 -24.03
C LYS B 132 13.71 -8.26 -22.92
N GLY B 133 14.17 -9.50 -22.86
CA GLY B 133 15.17 -9.92 -21.91
C GLY B 133 16.56 -9.43 -22.31
N PRO B 134 17.42 -9.17 -21.31
CA PRO B 134 18.76 -8.61 -21.55
C PRO B 134 19.74 -9.67 -21.99
N SER B 135 20.67 -9.31 -22.87
CA SER B 135 21.78 -10.17 -23.19
C SER B 135 22.95 -9.90 -22.23
N VAL B 136 23.35 -10.91 -21.46
CA VAL B 136 24.38 -10.71 -20.43
C VAL B 136 25.80 -11.03 -20.88
N PHE B 137 26.68 -10.03 -20.92
CA PHE B 137 28.08 -10.25 -21.32
C PHE B 137 29.07 -10.02 -20.18
N PRO B 138 30.10 -10.87 -20.08
CA PRO B 138 31.11 -10.71 -19.03
C PRO B 138 32.09 -9.58 -19.35
N LEU B 139 32.62 -8.88 -18.35
CA LEU B 139 33.76 -8.02 -18.61
C LEU B 139 34.87 -8.64 -17.79
N ALA B 140 35.90 -9.12 -18.48
CA ALA B 140 36.99 -9.85 -17.84
C ALA B 140 38.12 -9.01 -17.27
N PRO B 141 38.77 -9.51 -16.21
CA PRO B 141 39.95 -8.81 -15.70
C PRO B 141 41.09 -8.97 -16.72
N SER B 142 42.11 -8.12 -16.67
CA SER B 142 43.39 -8.47 -17.28
C SER B 142 44.56 -7.66 -16.75
N SER B 143 45.77 -8.10 -16.99
CA SER B 143 46.91 -7.19 -16.90
C SER B 143 47.97 -7.44 -17.99
N LYS B 144 48.68 -8.57 -17.93
CA LYS B 144 48.65 -9.44 -16.78
C LYS B 144 49.91 -9.24 -15.94
N SER B 145 49.76 -8.58 -14.81
CA SER B 145 50.83 -8.40 -13.85
C SER B 145 51.02 -9.72 -13.15
N THR B 146 52.25 -10.05 -12.79
CA THR B 146 52.49 -11.30 -12.10
C THR B 146 51.77 -11.27 -10.76
N SER B 147 51.06 -12.35 -10.46
CA SER B 147 50.46 -12.57 -9.12
C SER B 147 49.58 -11.35 -8.63
N GLY B 148 49.43 -10.36 -9.51
CA GLY B 148 48.71 -9.12 -9.32
C GLY B 148 48.61 -8.26 -8.08
N GLY B 149 47.80 -7.21 -8.26
CA GLY B 149 47.50 -6.14 -7.32
C GLY B 149 46.01 -6.27 -7.08
N THR B 150 45.28 -5.25 -7.54
CA THR B 150 43.83 -5.20 -7.37
C THR B 150 43.23 -5.16 -8.78
N ALA B 151 42.10 -5.81 -9.00
CA ALA B 151 41.53 -5.91 -10.35
C ALA B 151 40.05 -5.54 -10.41
N ALA B 152 39.51 -5.44 -11.63
CA ALA B 152 38.12 -5.08 -11.78
C ALA B 152 37.51 -5.97 -12.82
N LEU B 153 36.25 -6.32 -12.59
CA LEU B 153 35.51 -7.13 -13.54
C LEU B 153 34.03 -6.81 -13.40
N GLY B 154 33.20 -7.47 -14.18
CA GLY B 154 31.77 -7.22 -14.11
C GLY B 154 30.93 -7.82 -15.21
N CYS B 155 29.69 -7.33 -15.30
CA CYS B 155 28.76 -7.80 -16.31
C CYS B 155 28.14 -6.65 -17.07
N LEU B 156 27.94 -6.87 -18.36
CA LEU B 156 27.27 -5.94 -19.25
C LEU B 156 25.85 -6.42 -19.50
N VAL B 157 24.87 -5.74 -18.90
CA VAL B 157 23.46 -6.11 -19.13
C VAL B 157 22.95 -5.26 -20.28
N LYS B 158 22.86 -5.86 -21.45
CA LYS B 158 22.62 -5.05 -22.63
C LYS B 158 21.30 -5.35 -23.37
N ASP B 159 20.67 -4.29 -23.91
CA ASP B 159 19.51 -4.44 -24.78
C ASP B 159 18.32 -5.16 -24.17
N TYR B 160 17.74 -4.53 -23.15
CA TYR B 160 16.53 -5.01 -22.51
C TYR B 160 15.47 -3.92 -22.48
N PHE B 161 14.25 -4.33 -22.16
CA PHE B 161 13.14 -3.40 -22.09
C PHE B 161 11.95 -4.13 -21.54
N PRO B 162 11.24 -3.49 -20.61
CA PRO B 162 11.58 -2.16 -20.12
C PRO B 162 12.44 -2.22 -18.84
N GLU B 163 12.66 -1.09 -18.16
CA GLU B 163 13.34 -1.09 -16.86
C GLU B 163 12.44 -1.81 -15.90
N PRO B 164 12.99 -2.31 -14.78
CA PRO B 164 14.39 -2.35 -14.31
C PRO B 164 15.00 -3.74 -14.48
N VAL B 165 16.26 -3.87 -14.06
CA VAL B 165 16.93 -5.16 -13.97
C VAL B 165 17.66 -5.13 -12.62
N THR B 166 17.59 -6.21 -11.84
CA THR B 166 18.32 -6.23 -10.57
C THR B 166 19.59 -7.07 -10.74
N VAL B 167 20.73 -6.58 -10.27
CA VAL B 167 21.96 -7.39 -10.38
C VAL B 167 22.60 -7.73 -9.04
N SER B 168 23.03 -8.98 -8.88
CA SER B 168 23.71 -9.40 -7.65
C SER B 168 25.02 -10.07 -8.07
N TRP B 169 25.88 -10.35 -7.10
CA TRP B 169 27.14 -11.01 -7.38
C TRP B 169 27.37 -12.17 -6.41
N ASN B 170 27.53 -13.36 -6.96
CA ASN B 170 27.65 -14.57 -6.15
C ASN B 170 26.46 -14.70 -5.22
N SER B 171 25.30 -14.46 -5.82
CA SER B 171 24.01 -14.55 -5.15
C SER B 171 23.85 -13.59 -3.98
N GLY B 172 24.56 -12.48 -4.03
CA GLY B 172 24.43 -11.49 -2.98
C GLY B 172 25.56 -11.62 -1.97
N ALA B 173 26.33 -12.71 -2.06
CA ALA B 173 27.42 -12.94 -1.13
C ALA B 173 28.47 -11.83 -1.26
N LEU B 174 28.71 -11.39 -2.49
CA LEU B 174 29.73 -10.37 -2.72
C LEU B 174 29.09 -8.98 -2.83
N THR B 175 29.33 -8.13 -1.84
CA THR B 175 28.76 -6.79 -1.82
C THR B 175 29.79 -5.69 -1.68
N SER B 176 31.05 -6.09 -1.66
CA SER B 176 32.15 -5.17 -1.47
C SER B 176 32.78 -4.80 -2.81
N GLY B 177 32.90 -3.49 -3.04
CA GLY B 177 33.54 -3.04 -4.26
C GLY B 177 32.62 -3.05 -5.46
N VAL B 178 31.37 -3.46 -5.24
CA VAL B 178 30.41 -3.54 -6.33
C VAL B 178 29.70 -2.24 -6.68
N HIS B 179 29.80 -1.83 -7.95
CA HIS B 179 29.09 -0.64 -8.45
C HIS B 179 28.13 -1.02 -9.58
N THR B 180 26.84 -1.08 -9.30
CA THR B 180 25.86 -1.31 -10.35
C THR B 180 25.40 0.04 -10.93
N PHE B 181 25.81 0.34 -12.16
CA PHE B 181 25.55 1.65 -12.77
C PHE B 181 24.09 1.80 -13.21
N PRO B 182 23.57 3.04 -13.16
CA PRO B 182 22.23 3.34 -13.70
C PRO B 182 22.19 3.11 -15.21
N ALA B 183 21.10 2.49 -15.65
CA ALA B 183 20.92 2.11 -17.05
C ALA B 183 20.84 3.31 -17.99
N VAL B 184 21.34 3.14 -19.21
CA VAL B 184 21.21 4.16 -20.24
C VAL B 184 20.23 3.78 -21.36
N LEU B 185 19.53 4.76 -21.91
CA LEU B 185 18.63 4.48 -23.02
C LEU B 185 19.39 4.66 -24.35
N GLN B 186 19.63 3.55 -25.04
CA GLN B 186 20.37 3.53 -26.30
C GLN B 186 19.52 4.07 -27.42
N SER B 187 20.18 4.49 -28.50
CA SER B 187 19.49 5.05 -29.65
C SER B 187 18.44 4.09 -30.21
N SER B 188 18.61 2.79 -29.93
CA SER B 188 17.68 1.77 -30.42
C SER B 188 16.34 1.71 -29.64
N GLY B 189 16.27 2.37 -28.50
CA GLY B 189 15.08 2.33 -27.68
C GLY B 189 15.22 1.24 -26.64
N LEU B 190 16.35 0.56 -26.68
CA LEU B 190 16.61 -0.46 -25.69
C LEU B 190 17.55 0.04 -24.58
N TYR B 191 17.39 -0.54 -23.39
CA TYR B 191 18.22 -0.14 -22.26
C TYR B 191 19.49 -0.96 -22.19
N SER B 192 20.48 -0.44 -21.46
CA SER B 192 21.73 -1.16 -21.30
C SER B 192 22.48 -0.64 -20.09
N LEU B 193 22.80 -1.52 -19.14
CA LEU B 193 23.58 -1.11 -17.97
C LEU B 193 24.82 -1.96 -17.72
N SER B 194 25.74 -1.42 -16.94
CA SER B 194 26.93 -2.16 -16.56
C SER B 194 27.01 -2.31 -15.03
N SER B 195 27.31 -3.53 -14.59
CA SER B 195 27.54 -3.80 -13.17
C SER B 195 28.99 -4.25 -13.02
N VAL B 196 29.72 -3.65 -12.08
CA VAL B 196 31.15 -3.89 -11.99
C VAL B 196 31.60 -4.11 -10.55
N VAL B 197 32.72 -4.80 -10.39
CA VAL B 197 33.28 -5.01 -9.05
C VAL B 197 34.79 -5.10 -9.12
N THR B 198 35.44 -4.55 -8.09
CA THR B 198 36.90 -4.57 -7.95
C THR B 198 37.28 -5.65 -6.93
N VAL B 199 38.30 -6.44 -7.23
CA VAL B 199 38.71 -7.53 -6.35
C VAL B 199 40.22 -7.59 -6.22
N PRO B 200 40.72 -8.21 -5.14
CA PRO B 200 42.18 -8.38 -5.08
C PRO B 200 42.69 -9.25 -6.21
N SER B 201 43.69 -8.78 -6.95
CA SER B 201 44.19 -9.51 -8.12
C SER B 201 44.69 -10.93 -7.80
N SER B 202 44.99 -11.20 -6.53
CA SER B 202 45.49 -12.50 -6.17
C SER B 202 44.39 -13.57 -6.08
N SER B 203 43.19 -13.15 -5.70
CA SER B 203 42.03 -14.03 -5.54
C SER B 203 41.53 -14.64 -6.86
N LEU B 204 42.10 -14.15 -7.95
CA LEU B 204 41.77 -14.64 -9.30
C LEU B 204 42.38 -15.98 -9.63
N GLY B 205 41.59 -16.82 -10.28
CA GLY B 205 42.06 -18.15 -10.63
C GLY B 205 41.44 -19.08 -9.61
N THR B 206 41.21 -18.53 -8.42
CA THR B 206 40.61 -19.29 -7.34
C THR B 206 39.16 -18.90 -7.13
N GLN B 207 38.92 -17.63 -6.82
CA GLN B 207 37.54 -17.23 -6.58
C GLN B 207 36.82 -17.21 -7.90
N THR B 208 35.57 -17.68 -7.86
CA THR B 208 34.70 -17.70 -9.03
C THR B 208 33.65 -16.61 -8.90
N TYR B 209 33.59 -15.75 -9.91
CA TYR B 209 32.67 -14.62 -9.90
C TYR B 209 31.49 -14.75 -10.85
N ILE B 210 30.28 -14.81 -10.29
CA ILE B 210 29.07 -14.90 -11.11
C ILE B 210 28.03 -13.81 -10.83
N CYS B 211 27.68 -13.06 -11.87
CA CYS B 211 26.63 -12.06 -11.75
C CYS B 211 25.23 -12.65 -11.97
N ASN B 212 24.31 -12.24 -11.11
CA ASN B 212 22.94 -12.72 -11.15
C ASN B 212 21.98 -11.64 -11.59
N VAL B 213 21.66 -11.66 -12.89
CA VAL B 213 20.80 -10.67 -13.53
C VAL B 213 19.33 -11.08 -13.52
N ASN B 214 18.48 -10.19 -13.06
CA ASN B 214 17.07 -10.52 -13.02
C ASN B 214 16.23 -9.45 -13.71
N HIS B 215 15.58 -9.83 -14.82
CA HIS B 215 14.69 -8.90 -15.52
C HIS B 215 13.26 -9.44 -15.42
N LYS B 216 12.52 -8.96 -14.41
CA LYS B 216 11.14 -9.40 -14.12
C LYS B 216 10.18 -9.31 -15.30
N PRO B 217 10.13 -8.14 -15.97
CA PRO B 217 9.14 -7.96 -17.02
C PRO B 217 9.14 -9.13 -18.01
N SER B 218 10.33 -9.60 -18.37
CA SER B 218 10.41 -10.71 -19.31
C SER B 218 10.59 -12.08 -18.64
N ASN B 219 10.45 -12.12 -17.31
CA ASN B 219 10.72 -13.36 -16.54
C ASN B 219 12.04 -14.01 -16.93
N THR B 220 13.10 -13.20 -17.02
CA THR B 220 14.43 -13.65 -17.42
C THR B 220 15.36 -13.64 -16.21
N LYS B 221 15.94 -14.79 -15.89
CA LYS B 221 16.86 -14.88 -14.77
C LYS B 221 18.14 -15.54 -15.26
N VAL B 222 19.24 -14.79 -15.24
CA VAL B 222 20.51 -15.26 -15.80
C VAL B 222 21.72 -15.23 -14.86
N ASP B 223 22.48 -16.32 -14.86
CA ASP B 223 23.75 -16.38 -14.12
C ASP B 223 24.92 -16.56 -15.10
N LYS B 224 25.83 -15.60 -15.13
CA LYS B 224 26.94 -15.58 -16.09
C LYS B 224 28.26 -15.63 -15.34
N LYS B 225 29.15 -16.53 -15.69
CA LYS B 225 30.47 -16.57 -15.06
C LYS B 225 31.43 -15.55 -15.66
N VAL B 226 32.23 -14.95 -14.80
CA VAL B 226 33.21 -13.97 -15.25
C VAL B 226 34.64 -14.45 -14.94
N GLU B 227 35.37 -14.80 -16.00
CA GLU B 227 36.73 -15.34 -15.91
C GLU B 227 37.74 -14.49 -16.69
N PRO B 228 39.02 -14.54 -16.28
CA PRO B 228 40.09 -13.82 -16.97
C PRO B 228 40.27 -14.31 -18.41
N LYS B 229 40.94 -13.52 -19.25
CA LYS B 229 41.21 -13.90 -20.64
C LYS B 229 42.65 -14.34 -20.85
N SER B 230 43.03 -14.57 -22.10
CA SER B 230 44.36 -15.09 -22.43
C SER B 230 45.19 -14.13 -23.28
N CYS B 231 45.06 -14.22 -24.60
CA CYS B 231 45.85 -13.38 -25.50
C CYS B 231 47.34 -13.47 -25.17
N MET C 1 -21.62 36.09 12.65
CA MET C 1 -20.79 35.18 11.88
C MET C 1 -21.61 34.44 10.82
N ASP C 2 -22.20 33.31 11.21
CA ASP C 2 -23.12 32.53 10.37
C ASP C 2 -24.18 33.36 9.69
N PHE C 3 -24.67 34.37 10.40
CA PHE C 3 -25.79 35.18 9.91
C PHE C 3 -25.39 35.82 8.58
N LEU C 4 -24.11 36.15 8.47
CA LEU C 4 -23.54 36.72 7.25
C LEU C 4 -23.61 35.68 6.13
N PHE C 5 -23.20 34.46 6.45
CA PHE C 5 -23.23 33.37 5.50
C PHE C 5 -24.67 33.16 5.02
N GLU C 6 -25.58 33.19 5.99
CA GLU C 6 -26.99 32.97 5.72
C GLU C 6 -27.57 34.05 4.81
N LYS C 7 -27.13 35.28 4.99
CA LYS C 7 -27.62 36.34 4.13
C LYS C 7 -26.97 36.18 2.77
N TRP C 8 -25.72 35.72 2.78
CA TRP C 8 -25.02 35.50 1.53
C TRP C 8 -25.62 34.38 0.71
N LYS C 9 -25.94 33.28 1.37
CA LYS C 9 -26.58 32.15 0.70
C LYS C 9 -27.93 32.58 0.18
N LEU C 10 -28.53 33.53 0.87
CA LEU C 10 -29.83 34.02 0.46
C LEU C 10 -29.68 34.71 -0.87
N TYR C 11 -28.72 35.64 -0.90
CA TYR C 11 -28.37 36.36 -2.12
C TYR C 11 -28.11 35.42 -3.29
N SER C 12 -27.29 34.39 -3.08
CA SER C 12 -27.01 33.45 -4.16
C SER C 12 -28.29 32.75 -4.64
N ASP C 13 -29.07 32.25 -3.70
CA ASP C 13 -30.25 31.47 -4.08
C ASP C 13 -31.13 32.30 -4.96
N GLN C 14 -31.16 33.59 -4.63
CA GLN C 14 -32.05 34.55 -5.24
C GLN C 14 -31.63 34.93 -6.66
N CYS C 15 -30.34 34.79 -6.97
CA CYS C 15 -29.87 35.17 -8.29
C CYS C 15 -29.79 33.92 -9.12
N HIS C 16 -29.80 32.77 -8.47
CA HIS C 16 -29.82 31.56 -9.25
C HIS C 16 -31.21 31.45 -9.82
N HIS C 17 -32.15 31.95 -9.04
CA HIS C 17 -33.53 31.94 -9.47
C HIS C 17 -33.89 33.09 -10.40
N ASN C 18 -33.45 34.27 -10.00
CA ASN C 18 -33.62 35.47 -10.76
C ASN C 18 -33.12 35.22 -12.20
N LEU C 19 -32.02 34.47 -12.29
CA LEU C 19 -31.42 34.17 -13.59
C LEU C 19 -32.02 33.02 -14.34
N SER C 20 -32.99 32.33 -13.78
CA SER C 20 -33.53 31.22 -14.57
C SER C 20 -34.47 31.86 -15.57
N LEU C 21 -35.21 32.85 -15.10
CA LEU C 21 -36.20 33.47 -15.92
C LEU C 21 -35.57 34.52 -16.81
N LEU C 22 -34.78 34.07 -17.76
CA LEU C 22 -34.18 34.99 -18.70
C LEU C 22 -34.19 34.40 -20.09
N PRO C 23 -34.33 35.27 -21.06
CA PRO C 23 -34.37 34.90 -22.47
C PRO C 23 -32.99 34.57 -23.00
N PRO C 24 -32.92 33.70 -23.99
CA PRO C 24 -31.65 33.27 -24.57
C PRO C 24 -30.94 34.44 -25.22
N PRO C 25 -29.62 34.44 -25.29
CA PRO C 25 -28.95 35.62 -25.83
C PRO C 25 -29.05 35.72 -27.36
N THR C 26 -29.01 36.95 -27.86
CA THR C 26 -29.14 37.19 -29.30
C THR C 26 -27.79 37.51 -29.90
N GLU C 27 -26.75 37.47 -29.08
CA GLU C 27 -25.42 37.79 -29.55
C GLU C 27 -24.32 37.09 -28.76
N LEU C 28 -23.07 37.25 -29.20
CA LEU C 28 -21.91 36.68 -28.51
C LEU C 28 -21.82 37.25 -27.09
N VAL C 29 -21.93 36.40 -26.07
CA VAL C 29 -21.95 36.86 -24.69
C VAL C 29 -21.04 36.08 -23.74
N CYS C 30 -21.11 36.46 -22.47
CA CYS C 30 -20.50 35.71 -21.39
C CYS C 30 -21.64 35.16 -20.56
N ASN C 31 -21.79 33.85 -20.55
CA ASN C 31 -22.91 33.26 -19.84
C ASN C 31 -23.08 33.93 -18.48
N ARG C 32 -24.34 34.21 -18.18
CA ARG C 32 -24.73 34.76 -16.88
C ARG C 32 -24.16 33.87 -15.80
N THR C 33 -24.03 34.41 -14.59
CA THR C 33 -23.44 33.66 -13.49
C THR C 33 -23.44 34.31 -12.12
N PHE C 34 -23.34 33.47 -11.10
CA PHE C 34 -23.03 33.90 -9.75
C PHE C 34 -21.58 33.56 -9.48
N ASP C 35 -20.72 34.57 -9.53
CA ASP C 35 -19.28 34.37 -9.36
C ASP C 35 -18.91 34.33 -7.88
N LYS C 36 -19.87 34.00 -7.03
CA LYS C 36 -19.66 33.78 -5.61
C LYS C 36 -19.70 35.09 -4.85
N TYR C 37 -19.71 36.21 -5.59
CA TYR C 37 -19.79 37.56 -5.03
C TYR C 37 -21.05 38.33 -5.45
N SER C 38 -21.29 38.41 -6.75
CA SER C 38 -22.43 39.13 -7.30
C SER C 38 -23.08 38.34 -8.42
N CYS C 39 -24.35 38.62 -8.67
CA CYS C 39 -25.07 37.94 -9.75
C CYS C 39 -24.96 38.65 -11.12
N TRP C 40 -24.34 38.00 -12.10
CA TRP C 40 -24.19 38.66 -13.39
C TRP C 40 -25.11 38.15 -14.50
N PRO C 41 -25.67 39.07 -15.28
CA PRO C 41 -26.50 38.71 -16.43
C PRO C 41 -25.64 38.33 -17.63
N ASP C 42 -26.27 37.98 -18.74
CA ASP C 42 -25.55 37.75 -19.98
C ASP C 42 -24.97 39.07 -20.44
N THR C 43 -23.65 39.16 -20.51
CA THR C 43 -22.96 40.38 -20.86
C THR C 43 -22.27 40.30 -22.24
N PRO C 44 -22.56 41.26 -23.12
CA PRO C 44 -21.86 41.17 -24.42
C PRO C 44 -20.34 41.20 -24.32
N ALA C 45 -19.71 40.44 -25.21
CA ALA C 45 -18.26 40.32 -25.19
C ALA C 45 -17.55 41.65 -25.36
N ASN C 46 -16.35 41.75 -24.77
CA ASN C 46 -15.48 42.93 -24.90
C ASN C 46 -16.08 44.18 -24.21
N THR C 47 -16.95 43.94 -23.22
CA THR C 47 -17.61 45.04 -22.47
C THR C 47 -17.51 44.77 -20.99
N THR C 48 -17.55 45.84 -20.18
CA THR C 48 -17.49 45.72 -18.73
C THR C 48 -18.89 45.87 -18.13
N ALA C 49 -19.30 44.93 -17.29
CA ALA C 49 -20.61 44.98 -16.66
C ALA C 49 -20.56 45.60 -15.27
N ASN C 50 -21.67 46.24 -14.84
CA ASN C 50 -21.73 46.86 -13.49
C ASN C 50 -22.88 46.32 -12.65
N ILE C 51 -22.72 46.41 -11.33
CA ILE C 51 -23.78 46.05 -10.40
C ILE C 51 -23.64 46.83 -9.13
N SER C 52 -24.78 47.12 -8.53
CA SER C 52 -24.79 47.74 -7.22
C SER C 52 -24.21 46.71 -6.27
N CYS C 53 -23.40 47.16 -5.34
CA CYS C 53 -22.80 46.25 -4.39
C CYS C 53 -23.85 45.32 -3.79
N PRO C 54 -23.51 44.04 -3.69
CA PRO C 54 -24.40 42.99 -3.20
C PRO C 54 -24.88 43.34 -1.79
N TRP C 55 -26.13 43.04 -1.43
CA TRP C 55 -26.69 43.44 -0.13
C TRP C 55 -26.31 42.60 1.09
N TYR C 56 -25.63 41.47 0.91
CA TYR C 56 -25.22 40.66 2.07
C TYR C 56 -24.05 41.32 2.81
N LEU C 57 -23.40 42.28 2.15
CA LEU C 57 -22.34 43.06 2.79
C LEU C 57 -22.95 43.81 3.98
N PRO C 58 -22.27 43.75 5.14
CA PRO C 58 -22.69 44.39 6.40
C PRO C 58 -22.79 45.92 6.30
N TRP C 59 -21.99 46.51 5.42
CA TRP C 59 -21.97 47.95 5.23
C TRP C 59 -22.75 48.36 3.98
N HIS C 60 -23.70 47.53 3.56
CA HIS C 60 -24.45 47.80 2.33
C HIS C 60 -25.27 49.07 2.35
N HIS C 61 -25.47 49.62 3.54
CA HIS C 61 -26.22 50.85 3.67
C HIS C 61 -25.32 52.07 3.40
N LYS C 62 -24.02 51.86 3.41
CA LYS C 62 -23.07 52.93 3.14
C LYS C 62 -22.52 52.88 1.70
N VAL C 63 -22.63 51.72 1.09
CA VAL C 63 -22.15 51.52 -0.27
C VAL C 63 -23.30 51.19 -1.20
N GLN C 64 -24.52 51.40 -0.73
CA GLN C 64 -25.71 51.08 -1.49
C GLN C 64 -25.69 51.82 -2.84
N HIS C 65 -24.99 52.95 -2.90
CA HIS C 65 -24.95 53.76 -4.12
C HIS C 65 -23.72 53.43 -4.98
N ARG C 66 -22.88 52.49 -4.50
CA ARG C 66 -21.66 52.07 -5.19
C ARG C 66 -21.81 50.89 -6.16
N PHE C 67 -20.72 50.54 -6.85
CA PHE C 67 -20.78 49.47 -7.84
C PHE C 67 -19.65 48.44 -7.85
N VAL C 68 -19.98 47.22 -8.27
CA VAL C 68 -18.95 46.22 -8.52
C VAL C 68 -18.89 46.01 -10.04
N PHE C 69 -17.69 45.83 -10.57
CA PHE C 69 -17.49 45.66 -12.01
C PHE C 69 -16.89 44.30 -12.36
N LYS C 70 -17.25 43.76 -13.54
CA LYS C 70 -16.71 42.48 -14.06
C LYS C 70 -16.47 42.54 -15.56
N ARG C 71 -15.24 42.32 -16.01
CA ARG C 71 -14.97 42.45 -17.45
C ARG C 71 -15.30 41.15 -18.24
N CYS C 72 -15.97 41.33 -19.37
CA CYS C 72 -16.22 40.26 -20.32
C CYS C 72 -15.33 40.43 -21.53
N GLY C 73 -14.50 39.42 -21.79
CA GLY C 73 -13.53 39.48 -22.85
C GLY C 73 -14.14 39.37 -24.22
N PRO C 74 -13.39 39.82 -25.23
CA PRO C 74 -13.71 39.79 -26.66
C PRO C 74 -13.97 38.35 -27.08
N ASP C 75 -13.41 37.48 -26.26
CA ASP C 75 -13.51 36.04 -26.38
C ASP C 75 -14.93 35.51 -26.24
N GLY C 76 -15.68 36.15 -25.36
CA GLY C 76 -16.99 35.73 -24.93
C GLY C 76 -16.80 35.06 -23.56
N GLN C 77 -15.62 35.31 -22.96
CA GLN C 77 -15.23 34.74 -21.67
C GLN C 77 -14.97 35.81 -20.62
N TRP C 78 -15.56 35.65 -19.44
CA TRP C 78 -15.27 36.56 -18.37
C TRP C 78 -13.81 36.38 -18.07
N VAL C 79 -13.14 37.50 -17.79
CA VAL C 79 -11.77 37.55 -17.28
C VAL C 79 -11.58 36.91 -15.92
N ARG C 80 -10.60 36.02 -15.82
CA ARG C 80 -10.31 35.30 -14.59
C ARG C 80 -9.06 35.87 -13.90
N GLY C 81 -8.73 35.39 -12.68
CA GLY C 81 -7.58 35.95 -12.00
C GLY C 81 -6.32 35.14 -12.24
N PRO C 82 -5.23 35.48 -11.53
CA PRO C 82 -3.96 34.74 -11.48
C PRO C 82 -4.13 33.22 -11.46
N ARG C 83 -4.95 32.74 -10.54
CA ARG C 83 -5.17 31.30 -10.38
C ARG C 83 -6.41 30.78 -11.11
N GLY C 84 -7.02 31.60 -11.96
CA GLY C 84 -8.15 31.19 -12.77
C GLY C 84 -9.52 31.32 -12.11
N GLN C 85 -9.55 31.92 -10.93
CA GLN C 85 -10.80 32.08 -10.19
C GLN C 85 -11.66 33.23 -10.69
N PRO C 86 -12.94 33.24 -10.30
CA PRO C 86 -13.83 34.34 -10.62
C PRO C 86 -13.17 35.64 -10.21
N TRP C 87 -13.16 36.59 -11.15
CA TRP C 87 -12.43 37.82 -10.97
C TRP C 87 -13.33 39.05 -11.12
N ARG C 88 -13.00 40.13 -10.39
CA ARG C 88 -13.83 41.33 -10.44
C ARG C 88 -13.20 42.55 -9.75
N ASP C 89 -13.84 43.70 -9.97
CA ASP C 89 -13.41 44.94 -9.33
C ASP C 89 -14.46 45.37 -8.31
N ALA C 90 -14.22 45.05 -7.05
CA ALA C 90 -15.14 45.40 -5.97
C ALA C 90 -14.52 46.46 -5.05
N SER C 91 -13.56 47.24 -5.56
CA SER C 91 -12.90 48.21 -4.71
C SER C 91 -13.89 49.16 -4.08
N GLN C 92 -14.89 49.57 -4.85
CA GLN C 92 -15.91 50.47 -4.33
C GLN C 92 -16.65 49.82 -3.16
N CYS C 93 -16.79 48.50 -3.18
CA CYS C 93 -17.63 47.82 -2.19
C CYS C 93 -16.87 47.44 -0.90
N GLN C 94 -15.55 47.46 -0.96
CA GLN C 94 -14.67 47.08 0.16
C GLN C 94 -14.78 48.05 1.33
N MET C 95 -14.34 47.61 2.51
CA MET C 95 -14.44 48.45 3.69
C MET C 95 -13.39 49.56 3.71
N ASP D 1 -30.48 -15.44 18.12
CA ASP D 1 -29.40 -15.56 17.16
C ASP D 1 -29.61 -16.70 16.21
N ILE D 2 -29.05 -16.58 15.03
CA ILE D 2 -29.19 -17.61 14.02
C ILE D 2 -27.92 -18.44 13.97
N GLN D 3 -28.06 -19.75 14.14
CA GLN D 3 -26.92 -20.65 14.05
C GLN D 3 -26.75 -21.07 12.63
N MET D 4 -25.59 -20.76 12.07
CA MET D 4 -25.20 -21.36 10.81
C MET D 4 -24.38 -22.61 11.11
N THR D 5 -24.92 -23.76 10.74
CA THR D 5 -24.22 -25.02 10.98
C THR D 5 -23.63 -25.42 9.65
N GLN D 6 -22.31 -25.34 9.55
CA GLN D 6 -21.58 -25.58 8.31
C GLN D 6 -20.83 -26.92 8.38
N SER D 7 -20.86 -27.69 7.30
CA SER D 7 -20.11 -28.95 7.26
C SER D 7 -19.66 -29.35 5.87
N PRO D 8 -18.59 -30.15 5.79
CA PRO D 8 -17.81 -30.59 6.96
C PRO D 8 -16.84 -29.47 7.41
N SER D 9 -16.30 -29.55 8.62
CA SER D 9 -15.31 -28.55 9.04
C SER D 9 -14.02 -28.62 8.21
N SER D 10 -13.64 -29.82 7.81
CA SER D 10 -12.52 -29.99 6.89
C SER D 10 -12.78 -31.17 6.00
N LEU D 11 -12.21 -31.15 4.81
CA LEU D 11 -12.36 -32.25 3.88
C LEU D 11 -11.12 -32.36 2.99
N SER D 12 -10.91 -33.53 2.44
CA SER D 12 -9.81 -33.75 1.52
C SER D 12 -10.38 -34.00 0.12
N ALA D 13 -9.67 -33.52 -0.91
CA ALA D 13 -10.12 -33.75 -2.26
C ALA D 13 -8.93 -33.93 -3.16
N SER D 14 -9.19 -34.59 -4.28
CA SER D 14 -8.19 -34.64 -5.34
C SER D 14 -8.61 -33.62 -6.37
N VAL D 15 -7.65 -33.02 -7.03
CA VAL D 15 -8.00 -31.96 -7.95
C VAL D 15 -8.90 -32.46 -9.07
N GLY D 16 -10.03 -31.78 -9.28
CA GLY D 16 -10.94 -32.14 -10.35
C GLY D 16 -12.15 -32.81 -9.76
N ASP D 17 -12.07 -33.16 -8.48
CA ASP D 17 -13.22 -33.65 -7.74
C ASP D 17 -14.33 -32.59 -7.70
N ARG D 18 -15.59 -33.01 -7.64
CA ARG D 18 -16.66 -32.07 -7.31
C ARG D 18 -16.63 -31.94 -5.78
N VAL D 19 -16.70 -30.70 -5.29
CA VAL D 19 -16.64 -30.47 -3.84
C VAL D 19 -17.93 -29.85 -3.37
N THR D 20 -18.41 -30.31 -2.22
CA THR D 20 -19.70 -29.81 -1.74
C THR D 20 -19.71 -29.40 -0.27
N ILE D 21 -20.18 -28.18 -0.04
CA ILE D 21 -20.27 -27.69 1.32
C ILE D 21 -21.72 -27.34 1.67
N THR D 22 -22.15 -27.70 2.86
CA THR D 22 -23.48 -27.31 3.29
C THR D 22 -23.51 -26.28 4.44
N CYS D 23 -24.55 -25.45 4.42
CA CYS D 23 -24.81 -24.51 5.49
C CYS D 23 -26.27 -24.65 5.88
N ARG D 24 -26.53 -24.84 7.16
CA ARG D 24 -27.90 -24.88 7.62
C ARG D 24 -28.23 -23.70 8.53
N ALA D 25 -29.31 -23.00 8.22
CA ALA D 25 -29.72 -21.88 9.07
C ALA D 25 -30.77 -22.33 10.10
N SER D 26 -30.47 -22.11 11.38
CA SER D 26 -31.42 -22.45 12.44
C SER D 26 -32.81 -21.78 12.26
N GLN D 27 -32.88 -20.76 11.41
CA GLN D 27 -34.10 -19.94 11.22
C GLN D 27 -34.12 -19.64 9.74
N GLY D 28 -35.32 -19.46 9.17
CA GLY D 28 -35.41 -19.24 7.74
C GLY D 28 -34.79 -17.91 7.36
N ILE D 29 -33.75 -17.97 6.54
CA ILE D 29 -33.08 -16.75 6.09
C ILE D 29 -33.44 -16.24 4.69
N ARG D 30 -34.44 -16.84 4.09
CA ARG D 30 -34.72 -16.52 2.70
C ARG D 30 -33.44 -16.80 1.86
N ASN D 31 -33.07 -15.90 0.97
CA ASN D 31 -31.82 -16.04 0.22
C ASN D 31 -30.63 -15.20 0.77
N ASP D 32 -30.73 -14.65 1.97
CA ASP D 32 -29.67 -13.69 2.32
C ASP D 32 -28.49 -14.45 2.92
N LEU D 33 -27.59 -14.87 2.05
CA LEU D 33 -26.47 -15.66 2.47
C LEU D 33 -25.45 -15.49 1.40
N GLY D 34 -24.19 -15.61 1.79
CA GLY D 34 -23.12 -15.53 0.83
C GLY D 34 -22.07 -16.54 1.21
N TRP D 35 -21.19 -16.85 0.27
CA TRP D 35 -20.10 -17.75 0.53
C TRP D 35 -18.79 -17.00 0.39
N TYR D 36 -17.90 -17.25 1.34
CA TYR D 36 -16.63 -16.58 1.27
C TYR D 36 -15.47 -17.55 1.22
N GLN D 37 -14.42 -17.12 0.52
CA GLN D 37 -13.16 -17.81 0.48
C GLN D 37 -12.11 -16.97 1.25
N GLN D 38 -11.29 -17.65 2.06
CA GLN D 38 -10.11 -17.04 2.70
C GLN D 38 -8.87 -17.88 2.47
N LYS D 39 -7.94 -17.35 1.71
CA LYS D 39 -6.58 -17.89 1.58
C LYS D 39 -5.79 -17.49 2.83
N PRO D 40 -4.73 -18.24 3.18
CA PRO D 40 -4.04 -17.99 4.46
C PRO D 40 -3.33 -16.65 4.50
N GLY D 41 -3.56 -15.91 5.58
CA GLY D 41 -2.95 -14.61 5.73
C GLY D 41 -3.68 -13.55 4.94
N LYS D 42 -4.84 -13.89 4.40
CA LYS D 42 -5.60 -12.89 3.66
C LYS D 42 -7.02 -12.72 4.20
N ALA D 43 -7.72 -11.74 3.63
CA ALA D 43 -9.06 -11.43 4.05
C ALA D 43 -10.07 -12.21 3.24
N PRO D 44 -11.24 -12.48 3.84
CA PRO D 44 -12.27 -13.21 3.11
C PRO D 44 -12.61 -12.46 1.82
N LYS D 45 -13.05 -13.17 0.79
CA LYS D 45 -13.43 -12.60 -0.49
C LYS D 45 -14.75 -13.31 -0.86
N ARG D 46 -15.79 -12.55 -1.19
CA ARG D 46 -17.11 -13.14 -1.45
C ARG D 46 -17.21 -13.76 -2.85
N LEU D 47 -17.49 -15.07 -2.89
CA LEU D 47 -17.70 -15.80 -4.13
C LEU D 47 -19.16 -15.79 -4.66
N ILE D 48 -20.12 -15.99 -3.76
CA ILE D 48 -21.52 -16.14 -4.12
C ILE D 48 -22.30 -15.17 -3.25
N TYR D 49 -23.21 -14.43 -3.86
CA TYR D 49 -24.09 -13.60 -3.09
C TYR D 49 -25.57 -13.95 -3.34
N ALA D 50 -26.46 -13.62 -2.42
CA ALA D 50 -27.85 -13.92 -2.59
C ALA D 50 -28.02 -15.40 -2.78
N ALA D 51 -27.23 -16.17 -2.05
CA ALA D 51 -27.36 -17.61 -2.11
C ALA D 51 -26.83 -18.24 -3.37
N SER D 52 -27.29 -17.80 -4.51
CA SER D 52 -26.90 -18.42 -5.77
C SER D 52 -26.16 -17.61 -6.81
N SER D 53 -25.92 -16.32 -6.57
CA SER D 53 -25.38 -15.45 -7.61
C SER D 53 -23.88 -15.38 -7.49
N LEU D 54 -23.21 -15.47 -8.63
CA LEU D 54 -21.75 -15.58 -8.66
C LEU D 54 -21.11 -14.20 -8.75
N GLU D 55 -20.16 -13.91 -7.87
CA GLU D 55 -19.49 -12.62 -7.89
C GLU D 55 -18.82 -12.45 -9.25
N SER D 56 -18.74 -11.22 -9.73
CA SER D 56 -18.16 -11.04 -11.04
C SER D 56 -16.69 -11.49 -11.03
N GLY D 57 -16.24 -12.01 -12.16
CA GLY D 57 -14.86 -12.48 -12.27
C GLY D 57 -14.51 -13.63 -11.33
N VAL D 58 -15.49 -14.47 -11.02
CA VAL D 58 -15.27 -15.67 -10.22
C VAL D 58 -15.48 -16.88 -11.13
N PRO D 59 -14.49 -17.79 -11.18
CA PRO D 59 -14.55 -18.95 -12.08
C PRO D 59 -15.86 -19.73 -11.99
N SER D 60 -16.38 -20.12 -13.15
CA SER D 60 -17.71 -20.75 -13.27
C SER D 60 -17.88 -22.02 -12.42
N ARG D 61 -16.78 -22.69 -12.12
CA ARG D 61 -16.84 -23.92 -11.34
C ARG D 61 -17.44 -23.72 -9.94
N PHE D 62 -17.55 -22.47 -9.50
CA PHE D 62 -18.22 -22.18 -8.21
C PHE D 62 -19.72 -21.99 -8.39
N SER D 63 -20.49 -22.69 -7.55
CA SER D 63 -21.93 -22.69 -7.67
C SER D 63 -22.55 -22.69 -6.27
N GLY D 64 -23.43 -21.75 -6.00
CA GLY D 64 -24.24 -21.84 -4.80
C GLY D 64 -25.69 -22.20 -4.98
N SER D 65 -26.30 -22.80 -3.96
CA SER D 65 -27.70 -23.13 -4.06
C SER D 65 -28.38 -23.26 -2.71
N GLY D 66 -29.72 -23.27 -2.75
CA GLY D 66 -30.57 -23.32 -1.58
C GLY D 66 -31.35 -22.05 -1.40
N SER D 67 -32.33 -22.08 -0.50
CA SER D 67 -33.08 -20.88 -0.10
C SER D 67 -33.72 -21.17 1.24
N GLY D 68 -34.16 -20.15 1.95
CA GLY D 68 -34.74 -20.43 3.25
C GLY D 68 -33.72 -20.87 4.29
N THR D 69 -33.81 -22.14 4.67
CA THR D 69 -33.02 -22.75 5.73
C THR D 69 -31.77 -23.61 5.34
N GLU D 70 -31.54 -23.90 4.07
CA GLU D 70 -30.51 -24.90 3.72
C GLU D 70 -29.73 -24.56 2.45
N PHE D 71 -28.42 -24.61 2.53
CA PHE D 71 -27.59 -24.00 1.48
C PHE D 71 -26.41 -24.84 1.12
N THR D 72 -26.05 -24.79 -0.15
CA THR D 72 -24.94 -25.58 -0.62
C THR D 72 -24.02 -24.73 -1.48
N LEU D 73 -22.74 -24.99 -1.31
CA LEU D 73 -21.69 -24.45 -2.16
C LEU D 73 -20.97 -25.62 -2.85
N THR D 74 -20.98 -25.65 -4.19
CA THR D 74 -20.21 -26.68 -4.89
C THR D 74 -19.12 -26.09 -5.79
N ILE D 75 -18.02 -26.82 -5.88
CA ILE D 75 -16.96 -26.51 -6.83
C ILE D 75 -16.91 -27.67 -7.84
N SER D 76 -17.37 -27.41 -9.07
CA SER D 76 -17.67 -28.53 -9.97
C SER D 76 -16.45 -29.41 -10.19
N SER D 77 -15.26 -28.82 -10.34
CA SER D 77 -14.00 -29.56 -10.21
C SER D 77 -12.90 -28.75 -9.50
N VAL D 78 -12.40 -29.22 -8.36
CA VAL D 78 -11.40 -28.41 -7.64
C VAL D 78 -10.10 -28.13 -8.37
N GLN D 79 -9.50 -27.01 -8.03
CA GLN D 79 -8.22 -26.56 -8.57
C GLN D 79 -7.27 -26.25 -7.42
N PRO D 80 -5.96 -26.27 -7.69
CA PRO D 80 -4.93 -26.05 -6.67
C PRO D 80 -5.12 -24.75 -5.90
N GLU D 81 -5.39 -23.66 -6.62
CA GLU D 81 -5.58 -22.40 -5.93
C GLU D 81 -6.86 -22.41 -5.11
N ASP D 82 -7.62 -23.50 -5.20
CA ASP D 82 -8.89 -23.61 -4.48
C ASP D 82 -8.81 -24.27 -3.10
N PHE D 83 -7.66 -24.83 -2.73
CA PHE D 83 -7.64 -25.62 -1.49
C PHE D 83 -7.28 -24.72 -0.29
N VAL D 84 -8.31 -24.34 0.44
CA VAL D 84 -8.25 -23.20 1.35
C VAL D 84 -9.46 -23.25 2.26
N THR D 85 -9.78 -22.15 2.93
CA THR D 85 -10.98 -22.15 3.74
C THR D 85 -12.19 -21.45 3.11
N TYR D 86 -13.37 -21.99 3.42
CA TYR D 86 -14.62 -21.36 3.03
C TYR D 86 -15.58 -21.13 4.19
N TYR D 87 -16.21 -19.96 4.19
CA TYR D 87 -17.24 -19.61 5.15
C TYR D 87 -18.53 -19.17 4.47
N CYS D 88 -19.65 -19.51 5.08
CA CYS D 88 -20.93 -18.88 4.73
C CYS D 88 -21.29 -17.80 5.74
N LEU D 89 -21.95 -16.76 5.27
CA LEU D 89 -22.39 -15.68 6.12
C LEU D 89 -23.88 -15.40 5.89
N GLN D 90 -24.62 -15.38 6.98
CA GLN D 90 -26.03 -15.03 6.96
C GLN D 90 -26.16 -13.51 7.28
N HIS D 91 -26.72 -12.75 6.35
CA HIS D 91 -27.01 -11.30 6.52
C HIS D 91 -28.49 -10.91 6.82
N ASN D 92 -29.31 -11.90 7.13
CA ASN D 92 -30.74 -11.72 7.28
C ASN D 92 -31.21 -11.03 8.56
N SER D 93 -30.39 -11.12 9.61
CA SER D 93 -30.75 -10.64 10.94
C SER D 93 -29.53 -10.41 11.80
N ASN D 94 -29.70 -9.57 12.80
CA ASN D 94 -28.59 -9.19 13.63
C ASN D 94 -28.49 -9.95 14.94
N PRO D 95 -27.50 -10.79 15.12
CA PRO D 95 -26.08 -10.47 15.06
C PRO D 95 -25.87 -11.01 13.66
N LEU D 96 -25.03 -10.50 12.77
CA LEU D 96 -24.78 -11.31 11.56
C LEU D 96 -24.01 -12.59 11.99
N THR D 97 -24.27 -13.75 11.39
CA THR D 97 -23.51 -14.94 11.81
C THR D 97 -22.88 -15.82 10.74
N PHE D 98 -21.74 -16.39 11.07
CA PHE D 98 -20.89 -17.13 10.14
C PHE D 98 -20.93 -18.65 10.36
N GLY D 99 -20.81 -19.41 9.28
CA GLY D 99 -20.46 -20.82 9.43
C GLY D 99 -19.11 -20.94 10.13
N GLY D 100 -18.87 -22.11 10.74
CA GLY D 100 -17.65 -22.41 11.43
C GLY D 100 -16.49 -22.57 10.48
N GLY D 101 -16.75 -22.61 9.19
CA GLY D 101 -15.69 -22.82 8.23
C GLY D 101 -15.35 -24.23 7.79
N THR D 102 -14.75 -24.30 6.62
CA THR D 102 -14.36 -25.55 6.01
C THR D 102 -13.01 -25.36 5.38
N LYS D 103 -12.03 -26.17 5.76
CA LYS D 103 -10.74 -26.08 5.10
C LYS D 103 -10.69 -27.26 4.12
N VAL D 104 -10.29 -26.97 2.89
CA VAL D 104 -10.27 -28.00 1.88
C VAL D 104 -8.84 -28.44 1.65
N GLU D 105 -8.52 -29.65 2.12
CA GLU D 105 -7.17 -30.21 2.10
C GLU D 105 -6.98 -31.09 0.86
N ILE D 106 -5.79 -31.09 0.26
CA ILE D 106 -5.55 -31.96 -0.90
C ILE D 106 -5.30 -33.41 -0.49
N LYS D 107 -6.06 -34.32 -1.10
CA LYS D 107 -5.95 -35.77 -0.86
C LYS D 107 -4.59 -36.32 -1.31
N ARG D 108 -4.04 -37.23 -0.53
CA ARG D 108 -2.87 -37.94 -0.98
C ARG D 108 -2.93 -39.32 -0.38
N THR D 109 -1.82 -40.04 -0.44
CA THR D 109 -1.75 -41.40 0.05
C THR D 109 -1.10 -41.36 1.42
N VAL D 110 -1.48 -42.29 2.31
CA VAL D 110 -0.94 -42.28 3.66
C VAL D 110 0.58 -42.23 3.69
N ALA D 111 1.10 -41.45 4.61
CA ALA D 111 2.53 -41.36 4.81
C ALA D 111 2.83 -41.21 6.29
N ALA D 112 3.75 -42.01 6.78
CA ALA D 112 4.15 -41.97 8.17
C ALA D 112 5.24 -40.93 8.41
N PRO D 113 5.21 -40.27 9.56
CA PRO D 113 6.24 -39.29 9.87
C PRO D 113 7.60 -39.92 10.12
N SER D 114 8.68 -39.34 9.59
CA SER D 114 9.99 -39.51 10.21
C SER D 114 9.87 -38.89 11.60
N VAL D 115 10.46 -39.52 12.61
CA VAL D 115 10.41 -38.99 13.97
C VAL D 115 11.79 -38.69 14.61
N PHE D 116 11.89 -37.60 15.36
CA PHE D 116 13.16 -37.19 15.93
C PHE D 116 12.99 -36.51 17.29
N ILE D 117 13.96 -36.75 18.17
CA ILE D 117 13.94 -36.18 19.49
C ILE D 117 15.22 -35.42 19.76
N PHE D 118 15.07 -34.15 20.13
CA PHE D 118 16.19 -33.27 20.38
C PHE D 118 16.24 -32.89 21.85
N PRO D 119 17.20 -33.46 22.60
CA PRO D 119 17.38 -33.08 24.00
C PRO D 119 17.82 -31.62 24.10
N PRO D 120 17.59 -30.98 25.26
CA PRO D 120 17.93 -29.57 25.39
C PRO D 120 19.42 -29.33 25.14
N SER D 121 19.72 -28.23 24.45
CA SER D 121 21.08 -27.75 24.23
C SER D 121 21.74 -27.29 25.52
N ASP D 122 23.05 -27.48 25.61
CA ASP D 122 23.78 -27.08 26.80
C ASP D 122 23.61 -25.60 27.10
N GLU D 123 23.54 -24.78 26.04
CA GLU D 123 23.51 -23.32 26.20
C GLU D 123 22.20 -22.83 26.79
N GLN D 124 21.14 -23.61 26.61
CA GLN D 124 19.86 -23.30 27.23
C GLN D 124 19.82 -23.79 28.66
N LEU D 125 20.32 -25.01 28.87
CA LEU D 125 20.37 -25.61 30.20
C LEU D 125 21.03 -24.69 31.21
N LYS D 126 21.94 -23.86 30.71
CA LYS D 126 22.64 -22.85 31.51
C LYS D 126 21.65 -22.00 32.29
N SER D 127 20.54 -21.65 31.64
CA SER D 127 19.66 -20.56 32.08
C SER D 127 18.49 -20.93 33.01
N GLY D 128 18.41 -22.19 33.41
CA GLY D 128 17.37 -22.63 34.33
C GLY D 128 16.23 -23.45 33.76
N THR D 129 15.97 -23.36 32.47
CA THR D 129 14.90 -24.16 31.89
C THR D 129 15.42 -25.08 30.81
N ALA D 130 14.61 -26.07 30.47
CA ALA D 130 15.04 -27.14 29.58
C ALA D 130 13.97 -27.50 28.55
N SER D 131 14.36 -27.56 27.29
CA SER D 131 13.43 -27.90 26.22
C SER D 131 13.86 -29.08 25.36
N VAL D 132 13.07 -30.15 25.43
CA VAL D 132 13.20 -31.20 24.46
C VAL D 132 12.10 -30.99 23.42
N VAL D 133 12.45 -31.12 22.15
CA VAL D 133 11.37 -31.13 21.16
C VAL D 133 11.33 -32.44 20.39
N CYS D 134 10.15 -32.77 19.88
CA CYS D 134 10.00 -33.92 19.02
C CYS D 134 9.46 -33.48 17.67
N LEU D 135 9.98 -34.08 16.62
CA LEU D 135 9.63 -33.69 15.27
C LEU D 135 8.94 -34.82 14.50
N LEU D 136 7.66 -34.67 14.23
CA LEU D 136 6.99 -35.57 13.31
C LEU D 136 7.06 -34.94 11.93
N ASN D 137 7.79 -35.59 11.03
CA ASN D 137 8.11 -34.97 9.75
C ASN D 137 7.43 -35.58 8.52
N ASN D 138 6.91 -34.72 7.65
CA ASN D 138 6.27 -35.11 6.40
C ASN D 138 5.30 -36.31 6.49
N PHE D 139 4.16 -36.14 7.14
CA PHE D 139 3.24 -37.26 7.25
C PHE D 139 1.87 -36.87 6.71
N TYR D 140 0.93 -37.80 6.80
CA TYR D 140 -0.40 -37.61 6.27
C TYR D 140 -1.20 -38.86 6.58
N PRO D 141 -2.47 -38.69 6.96
CA PRO D 141 -3.13 -37.39 7.08
C PRO D 141 -2.72 -36.61 8.32
N ARG D 142 -3.38 -35.47 8.56
CA ARG D 142 -3.02 -34.54 9.64
C ARG D 142 -3.07 -35.22 11.02
N GLU D 143 -4.03 -36.08 11.24
CA GLU D 143 -4.27 -36.58 12.59
C GLU D 143 -3.12 -37.41 13.10
N ALA D 144 -2.59 -37.02 14.26
CA ALA D 144 -1.51 -37.75 14.93
C ALA D 144 -1.57 -37.45 16.40
N LYS D 145 -1.21 -38.41 17.23
CA LYS D 145 -1.14 -38.18 18.68
C LYS D 145 0.31 -38.33 19.15
N VAL D 146 0.74 -37.40 19.98
CA VAL D 146 2.11 -37.42 20.47
C VAL D 146 2.12 -37.42 21.98
N GLN D 147 2.91 -38.33 22.55
CA GLN D 147 2.94 -38.59 23.98
C GLN D 147 4.35 -38.44 24.53
N TRP D 148 4.53 -37.62 25.57
CA TRP D 148 5.84 -37.54 26.25
C TRP D 148 5.90 -38.53 27.41
N LYS D 149 7.05 -39.19 27.55
CA LYS D 149 7.30 -40.09 28.68
C LYS D 149 8.69 -39.86 29.27
N VAL D 150 8.74 -39.40 30.52
CA VAL D 150 10.02 -39.28 31.21
C VAL D 150 10.10 -40.38 32.24
N ASP D 151 11.24 -41.08 32.25
CA ASP D 151 11.37 -42.23 33.11
C ASP D 151 10.06 -43.03 33.02
N ASN D 152 9.59 -43.18 31.79
CA ASN D 152 8.43 -44.00 31.48
C ASN D 152 7.10 -43.45 31.99
N ALA D 153 7.14 -42.32 32.66
CA ALA D 153 5.90 -41.66 33.08
C ALA D 153 5.24 -40.88 31.93
N LEU D 154 4.02 -41.26 31.56
CA LEU D 154 3.28 -40.54 30.53
C LEU D 154 3.01 -39.12 31.01
N GLN D 155 3.26 -38.12 30.16
CA GLN D 155 3.29 -36.71 30.57
C GLN D 155 2.05 -35.94 30.14
N SER D 156 1.66 -34.95 30.93
CA SER D 156 0.54 -34.09 30.54
C SER D 156 0.61 -32.66 31.10
N GLY D 157 0.15 -31.72 30.30
CA GLY D 157 0.05 -30.33 30.71
C GLY D 157 1.30 -29.53 30.40
N ASN D 158 2.43 -30.22 30.29
CA ASN D 158 3.73 -29.57 30.11
C ASN D 158 4.22 -29.45 28.65
N SER D 159 3.38 -29.84 27.69
CA SER D 159 3.79 -29.79 26.29
C SER D 159 2.90 -28.90 25.42
N GLN D 160 3.51 -28.32 24.40
CA GLN D 160 2.79 -27.63 23.34
C GLN D 160 3.15 -28.20 21.96
N GLU D 161 2.21 -28.10 21.03
CA GLU D 161 2.34 -28.66 19.68
C GLU D 161 2.05 -27.59 18.64
N SER D 162 2.59 -27.78 17.46
CA SER D 162 2.26 -26.89 16.38
C SER D 162 2.41 -27.65 15.06
N VAL D 163 1.58 -27.31 14.09
CA VAL D 163 1.60 -28.04 12.83
C VAL D 163 1.70 -27.08 11.68
N THR D 164 2.37 -27.50 10.61
CA THR D 164 2.50 -26.59 9.47
C THR D 164 1.29 -26.76 8.59
N GLU D 165 1.15 -25.92 7.58
CA GLU D 165 0.04 -26.09 6.65
C GLU D 165 0.44 -27.18 5.65
N GLN D 166 -0.47 -27.56 4.77
CA GLN D 166 -0.16 -28.63 3.84
C GLN D 166 0.97 -28.14 2.94
N ASP D 167 2.05 -28.92 2.88
CA ASP D 167 3.20 -28.59 2.05
C ASP D 167 2.80 -28.51 0.59
N SER D 168 3.17 -27.42 -0.06
CA SER D 168 2.80 -27.19 -1.46
C SER D 168 3.31 -28.29 -2.38
N LYS D 169 4.28 -29.07 -1.92
CA LYS D 169 4.91 -30.04 -2.78
C LYS D 169 4.41 -31.46 -2.55
N ASP D 170 4.82 -32.08 -1.44
CA ASP D 170 4.44 -33.45 -1.18
C ASP D 170 3.14 -33.62 -0.40
N SER D 171 2.44 -32.52 -0.15
CA SER D 171 1.11 -32.59 0.45
C SER D 171 1.13 -33.25 1.84
N THR D 172 2.23 -33.13 2.55
CA THR D 172 2.24 -33.66 3.90
C THR D 172 2.16 -32.58 4.98
N TYR D 173 2.11 -33.08 6.19
CA TYR D 173 2.09 -32.26 7.39
C TYR D 173 3.32 -32.62 8.18
N SER D 174 3.82 -31.65 8.94
CA SER D 174 4.89 -31.92 9.90
C SER D 174 4.47 -31.31 11.23
N LEU D 175 4.90 -31.87 12.35
CA LEU D 175 4.56 -31.22 13.61
C LEU D 175 5.71 -31.17 14.60
N SER D 176 5.74 -30.11 15.40
CA SER D 176 6.77 -29.95 16.42
C SER D 176 6.13 -29.92 17.80
N SER D 177 6.62 -30.78 18.70
CA SER D 177 6.10 -30.80 20.06
C SER D 177 7.17 -30.45 21.11
N THR D 178 6.90 -29.41 21.91
CA THR D 178 7.86 -29.06 22.95
C THR D 178 7.39 -29.47 24.33
N LEU D 179 8.20 -30.28 25.00
CA LEU D 179 8.05 -30.47 26.43
C LEU D 179 9.01 -29.56 27.18
N THR D 180 8.47 -28.66 28.00
CA THR D 180 9.33 -27.77 28.78
C THR D 180 9.32 -28.17 30.25
N LEU D 181 10.51 -28.34 30.83
CA LEU D 181 10.65 -28.35 32.28
C LEU D 181 11.88 -27.62 32.83
N SER D 182 11.95 -27.61 34.15
CA SER D 182 12.98 -26.90 34.90
C SER D 182 14.25 -27.71 34.88
N LYS D 183 15.39 -27.05 34.74
CA LYS D 183 16.66 -27.76 34.64
C LYS D 183 16.73 -28.83 35.74
N ALA D 184 16.24 -28.48 36.92
CA ALA D 184 16.16 -29.43 38.04
C ALA D 184 15.39 -30.71 37.71
N ASP D 185 14.08 -30.58 37.46
CA ASP D 185 13.29 -31.75 37.07
C ASP D 185 14.01 -32.48 35.96
N TYR D 186 14.59 -31.72 35.04
CA TYR D 186 15.34 -32.31 33.94
C TYR D 186 16.58 -33.04 34.47
N GLU D 187 17.18 -32.47 35.49
CA GLU D 187 18.34 -33.09 36.13
C GLU D 187 17.91 -34.33 36.91
N LYS D 188 16.75 -34.24 37.56
CA LYS D 188 16.23 -35.32 38.40
C LYS D 188 16.03 -36.63 37.65
N HIS D 189 15.27 -36.57 36.55
CA HIS D 189 14.91 -37.78 35.81
C HIS D 189 16.01 -38.19 34.83
N LYS D 190 15.78 -39.29 34.11
CA LYS D 190 16.83 -40.03 33.42
C LYS D 190 16.68 -40.19 31.90
N VAL D 191 15.66 -40.93 31.51
CA VAL D 191 15.44 -41.21 30.09
C VAL D 191 14.23 -40.46 29.56
N TYR D 192 14.40 -39.81 28.43
CA TYR D 192 13.36 -38.95 27.86
C TYR D 192 12.94 -39.46 26.47
N ALA D 193 11.67 -39.81 26.35
CA ALA D 193 11.20 -40.43 25.12
C ALA D 193 9.88 -39.85 24.59
N CYS D 194 9.82 -39.68 23.27
CA CYS D 194 8.66 -39.10 22.64
C CYS D 194 7.95 -40.17 21.78
N GLU D 195 6.68 -40.43 22.09
CA GLU D 195 5.91 -41.53 21.48
C GLU D 195 4.79 -41.09 20.52
N VAL D 196 4.79 -41.65 19.31
CA VAL D 196 3.93 -41.18 18.24
C VAL D 196 2.93 -42.20 17.69
N THR D 197 1.64 -41.92 17.83
CA THR D 197 0.63 -42.69 17.11
C THR D 197 0.11 -41.98 15.86
N HIS D 198 0.46 -42.52 14.69
CA HIS D 198 -0.07 -42.05 13.42
C HIS D 198 -0.53 -43.27 12.62
N GLN D 199 -1.49 -43.04 11.73
CA GLN D 199 -2.06 -44.12 10.96
C GLN D 199 -1.06 -44.83 10.05
N GLY D 200 -0.13 -44.08 9.48
CA GLY D 200 0.89 -44.63 8.61
C GLY D 200 1.79 -45.63 9.31
N LEU D 201 1.68 -45.70 10.63
CA LEU D 201 2.37 -46.73 11.43
C LEU D 201 1.36 -47.84 11.74
N SER D 202 1.82 -48.92 12.37
CA SER D 202 0.90 -49.90 12.93
C SER D 202 0.96 -49.76 14.44
N SER D 203 2.08 -50.18 14.99
CA SER D 203 2.40 -49.87 16.36
C SER D 203 2.96 -48.46 16.36
N PRO D 204 2.58 -47.66 17.36
CA PRO D 204 3.20 -46.34 17.51
C PRO D 204 4.71 -46.45 17.66
N VAL D 205 5.42 -45.34 17.48
CA VAL D 205 6.88 -45.34 17.62
C VAL D 205 7.37 -44.57 18.85
N THR D 206 8.51 -44.99 19.37
CA THR D 206 9.16 -44.27 20.46
C THR D 206 10.56 -43.80 20.09
N LYS D 207 10.72 -42.48 19.96
CA LYS D 207 12.03 -41.89 19.79
C LYS D 207 12.51 -41.41 21.16
N SER D 208 13.80 -41.57 21.43
CA SER D 208 14.30 -41.43 22.79
C SER D 208 15.78 -41.10 22.88
N PHE D 209 16.18 -40.64 24.06
CA PHE D 209 17.57 -40.52 24.42
C PHE D 209 17.64 -40.61 25.93
N ASN D 210 18.78 -41.02 26.47
CA ASN D 210 18.93 -41.05 27.93
C ASN D 210 19.82 -39.90 28.30
N ARG D 211 19.65 -39.37 29.51
CA ARG D 211 20.33 -38.11 29.82
C ARG D 211 21.85 -38.20 29.72
N GLY D 212 22.45 -37.02 29.58
CA GLY D 212 23.80 -36.91 29.04
C GLY D 212 23.72 -36.34 27.63
N GLU D 213 22.51 -36.03 27.18
CA GLU D 213 22.25 -35.46 25.84
C GLU D 213 22.63 -36.36 24.66
N CYS D 214 22.15 -37.62 24.66
CA CYS D 214 22.42 -38.56 23.57
C CYS D 214 21.47 -38.38 22.39
N GLN E 1 -10.86 1.31 -8.39
CA GLN E 1 -10.85 0.11 -7.58
C GLN E 1 -11.18 0.42 -6.11
N VAL E 2 -12.28 -0.15 -5.66
CA VAL E 2 -12.76 0.03 -4.30
C VAL E 2 -11.78 -0.54 -3.29
N GLN E 3 -11.58 0.16 -2.17
CA GLN E 3 -10.61 -0.30 -1.17
C GLN E 3 -10.94 0.11 0.25
N LEU E 4 -10.61 -0.79 1.17
CA LEU E 4 -10.66 -0.52 2.58
C LEU E 4 -9.31 -0.76 3.13
N VAL E 5 -8.77 0.25 3.81
CA VAL E 5 -7.50 0.07 4.44
C VAL E 5 -7.60 0.38 5.91
N GLU E 6 -7.22 -0.61 6.70
CA GLU E 6 -7.36 -0.56 8.15
C GLU E 6 -6.03 -0.27 8.84
N SER E 7 -6.11 0.34 9.99
CA SER E 7 -4.93 0.63 10.78
C SER E 7 -5.32 0.77 12.23
N GLY E 8 -4.31 0.82 13.09
CA GLY E 8 -4.49 1.07 14.50
C GLY E 8 -4.17 -0.11 15.39
N GLY E 9 -3.93 -1.27 14.79
CA GLY E 9 -3.53 -2.46 15.52
C GLY E 9 -2.21 -2.36 16.27
N GLY E 10 -2.07 -3.23 17.28
CA GLY E 10 -0.86 -3.33 18.07
C GLY E 10 -1.12 -4.07 19.36
N VAL E 11 -0.06 -4.20 20.14
CA VAL E 11 -0.17 -4.77 21.49
C VAL E 11 -0.83 -3.72 22.38
N VAL E 12 -1.72 -4.16 23.25
CA VAL E 12 -2.40 -3.27 24.15
C VAL E 12 -2.70 -4.04 25.41
N GLN E 13 -2.52 -3.39 26.55
CA GLN E 13 -2.67 -4.11 27.81
C GLN E 13 -4.14 -4.35 28.19
N PRO E 14 -4.43 -5.54 28.72
CA PRO E 14 -5.80 -5.82 29.15
C PRO E 14 -6.36 -4.69 30.02
N GLY E 15 -7.62 -4.31 29.78
CA GLY E 15 -8.28 -3.24 30.52
C GLY E 15 -8.12 -1.85 29.87
N ARG E 16 -7.15 -1.72 28.99
CA ARG E 16 -6.91 -0.47 28.28
C ARG E 16 -7.62 -0.39 26.89
N SER E 17 -7.29 0.61 26.06
CA SER E 17 -8.12 0.94 24.90
C SER E 17 -7.37 1.08 23.57
N LEU E 18 -8.09 0.95 22.47
CA LEU E 18 -7.48 1.12 21.17
C LEU E 18 -8.52 1.67 20.22
N ARG E 19 -8.10 2.52 19.29
CA ARG E 19 -9.02 2.88 18.21
C ARG E 19 -8.55 2.25 16.92
N LEU E 20 -9.49 1.69 16.18
CA LEU E 20 -9.20 1.16 14.85
C LEU E 20 -9.73 2.11 13.79
N SER E 21 -9.02 2.15 12.67
CA SER E 21 -9.40 3.00 11.57
C SER E 21 -9.62 2.20 10.29
N CYS E 22 -10.65 2.55 9.53
CA CYS E 22 -10.84 1.95 8.21
C CYS E 22 -11.10 3.04 7.18
N ALA E 23 -10.19 3.14 6.23
CA ALA E 23 -10.21 4.21 5.27
C ALA E 23 -10.69 3.71 3.90
N ALA E 24 -11.78 4.29 3.45
CA ALA E 24 -12.33 3.95 2.14
C ALA E 24 -11.63 4.68 1.03
N SER E 25 -11.55 4.02 -0.12
CA SER E 25 -11.25 4.73 -1.36
C SER E 25 -11.90 4.02 -2.54
N GLY E 26 -12.36 4.80 -3.50
CA GLY E 26 -12.96 4.29 -4.72
C GLY E 26 -14.47 4.37 -4.73
N PHE E 27 -15.05 4.89 -3.65
CA PHE E 27 -16.50 4.97 -3.57
C PHE E 27 -17.02 5.99 -2.56
N THR E 28 -18.28 6.34 -2.71
CA THR E 28 -18.88 7.23 -1.75
C THR E 28 -19.11 6.41 -0.48
N PHE E 29 -18.44 6.84 0.57
CA PHE E 29 -18.50 6.16 1.85
C PHE E 29 -19.87 6.35 2.52
N SER E 30 -20.36 7.58 2.47
CA SER E 30 -21.60 7.94 3.12
C SER E 30 -22.68 6.92 2.80
N SER E 31 -22.62 6.36 1.59
CA SER E 31 -23.76 5.66 0.99
C SER E 31 -23.92 4.20 1.38
N TYR E 32 -23.06 3.71 2.24
CA TYR E 32 -23.08 2.32 2.62
C TYR E 32 -23.12 2.10 4.12
N GLY E 33 -23.44 0.85 4.49
CA GLY E 33 -23.32 0.39 5.86
C GLY E 33 -21.91 -0.14 6.03
N MET E 34 -21.36 0.06 7.21
CA MET E 34 -20.03 -0.39 7.48
C MET E 34 -20.06 -1.44 8.58
N HIS E 35 -19.17 -2.43 8.47
CA HIS E 35 -19.08 -3.49 9.48
C HIS E 35 -17.66 -3.68 9.98
N TRP E 36 -17.57 -4.18 11.21
CA TRP E 36 -16.35 -4.78 11.72
C TRP E 36 -16.55 -6.28 12.00
N VAL E 37 -15.60 -7.05 11.49
CA VAL E 37 -15.55 -8.47 11.74
C VAL E 37 -14.15 -8.81 12.28
N ARG E 38 -14.03 -9.82 13.16
CA ARG E 38 -12.75 -10.16 13.75
C ARG E 38 -12.51 -11.66 13.69
N GLN E 39 -11.24 -12.05 13.76
CA GLN E 39 -10.87 -13.45 13.74
C GLN E 39 -9.80 -13.77 14.79
N ALA E 40 -10.18 -14.56 15.79
CA ALA E 40 -9.21 -14.99 16.78
C ALA E 40 -8.17 -15.87 16.11
N PRO E 41 -6.95 -15.90 16.66
CA PRO E 41 -5.84 -16.44 15.88
C PRO E 41 -6.11 -17.75 15.18
N GLY E 42 -6.63 -18.74 15.87
CA GLY E 42 -6.72 -20.02 15.21
C GLY E 42 -8.10 -20.42 14.73
N LYS E 43 -8.97 -19.44 14.63
CA LYS E 43 -10.38 -19.73 14.64
C LYS E 43 -11.01 -19.17 13.40
N GLY E 44 -12.35 -19.26 13.35
CA GLY E 44 -13.14 -18.67 12.28
C GLY E 44 -13.57 -17.23 12.56
N LEU E 45 -14.55 -16.77 11.79
CA LEU E 45 -14.96 -15.36 11.76
C LEU E 45 -16.14 -14.98 12.68
N GLU E 46 -15.98 -13.84 13.37
CA GLU E 46 -17.02 -13.32 14.27
C GLU E 46 -17.36 -11.89 13.90
N TRP E 47 -18.63 -11.65 13.59
CA TRP E 47 -19.13 -10.30 13.34
C TRP E 47 -19.13 -9.50 14.65
N VAL E 48 -18.54 -8.31 14.62
CA VAL E 48 -18.40 -7.49 15.81
C VAL E 48 -19.49 -6.45 15.88
N ALA E 49 -19.59 -5.61 14.84
CA ALA E 49 -20.38 -4.37 14.92
C ALA E 49 -20.83 -3.84 13.54
N VAL E 50 -21.87 -3.04 13.52
CA VAL E 50 -22.28 -2.45 12.25
C VAL E 50 -22.79 -1.06 12.47
N MET E 51 -22.62 -0.22 11.46
CA MET E 51 -23.37 1.03 11.45
C MET E 51 -23.84 1.51 10.07
N TRP E 52 -24.74 2.49 10.11
CA TRP E 52 -25.33 3.04 8.91
C TRP E 52 -25.18 4.56 8.93
N TYR E 53 -25.90 5.24 8.04
CA TYR E 53 -25.88 6.70 7.88
C TYR E 53 -25.99 7.57 9.14
N ASP E 54 -26.81 7.17 10.10
CA ASP E 54 -27.21 8.04 11.23
C ASP E 54 -26.12 8.31 12.32
N GLY E 55 -25.66 7.28 13.04
CA GLY E 55 -26.40 6.06 13.21
C GLY E 55 -27.28 5.96 14.45
N SER E 56 -28.53 5.63 14.22
CA SER E 56 -29.39 5.17 15.28
C SER E 56 -29.39 3.66 15.15
N ASN E 57 -28.85 3.20 14.01
CA ASN E 57 -28.80 1.78 13.66
C ASN E 57 -27.50 1.10 14.03
N LYS E 58 -26.73 1.73 14.88
CA LYS E 58 -25.58 1.02 15.42
C LYS E 58 -26.04 -0.32 16.01
N ASP E 59 -25.22 -1.36 15.83
CA ASP E 59 -25.44 -2.63 16.49
C ASP E 59 -24.16 -3.44 16.72
N TYR E 60 -24.19 -4.33 17.72
CA TYR E 60 -22.95 -4.93 18.21
C TYR E 60 -23.23 -6.35 18.56
N VAL E 61 -22.24 -7.20 18.37
CA VAL E 61 -22.20 -8.52 18.96
C VAL E 61 -22.19 -8.33 20.48
N ASP E 62 -22.91 -9.16 21.23
CA ASP E 62 -23.08 -8.95 22.68
C ASP E 62 -21.79 -8.87 23.51
N SER E 63 -20.83 -9.75 23.24
CA SER E 63 -19.59 -9.81 24.00
C SER E 63 -18.80 -8.49 24.02
N VAL E 64 -18.96 -7.64 23.00
CA VAL E 64 -18.43 -6.28 23.06
C VAL E 64 -19.44 -5.17 23.44
N LYS E 65 -20.72 -5.48 23.58
CA LYS E 65 -21.71 -4.42 23.89
C LYS E 65 -21.34 -3.69 25.16
N GLY E 66 -21.22 -2.37 25.07
CA GLY E 66 -20.82 -1.57 26.21
C GLY E 66 -19.32 -1.29 26.31
N ARG E 67 -18.50 -2.13 25.71
CA ARG E 67 -17.08 -1.80 25.56
C ARG E 67 -16.69 -1.10 24.25
N PHE E 68 -17.34 -1.49 23.16
CA PHE E 68 -16.91 -1.11 21.82
C PHE E 68 -17.82 -0.06 21.26
N THR E 69 -17.26 0.81 20.44
CA THR E 69 -18.11 1.80 19.79
C THR E 69 -17.73 1.94 18.33
N ILE E 70 -18.69 1.67 17.45
CA ILE E 70 -18.50 1.92 16.02
C ILE E 70 -18.80 3.37 15.74
N SER E 71 -18.04 3.98 14.85
CA SER E 71 -18.36 5.32 14.35
C SER E 71 -17.66 5.62 13.04
N ARG E 72 -18.15 6.62 12.33
CA ARG E 72 -17.64 6.97 11.03
C ARG E 72 -17.58 8.47 10.90
N ASP E 73 -16.45 8.99 10.47
CA ASP E 73 -16.39 10.40 10.09
C ASP E 73 -16.63 10.45 8.57
N ASN E 74 -17.79 10.94 8.16
CA ASN E 74 -18.14 11.00 6.73
C ASN E 74 -17.28 11.95 5.91
N SER E 75 -16.83 13.04 6.51
CA SER E 75 -15.92 13.95 5.83
C SER E 75 -14.67 13.20 5.43
N LYS E 76 -14.16 12.37 6.33
CA LYS E 76 -12.91 11.66 6.10
C LYS E 76 -13.07 10.31 5.41
N ASN E 77 -14.31 9.90 5.15
CA ASN E 77 -14.55 8.57 4.60
C ASN E 77 -13.81 7.50 5.41
N THR E 78 -13.83 7.66 6.74
CA THR E 78 -13.15 6.75 7.65
C THR E 78 -14.11 6.11 8.67
N LEU E 79 -14.03 4.79 8.80
CA LEU E 79 -14.73 4.08 9.87
C LEU E 79 -13.84 3.87 11.11
N TYR E 80 -14.42 3.97 12.29
CA TYR E 80 -13.64 3.73 13.49
C TYR E 80 -14.24 2.62 14.29
N LEU E 81 -13.39 1.85 14.94
CA LEU E 81 -13.85 1.03 16.04
C LEU E 81 -13.12 1.41 17.32
N GLN E 82 -13.89 1.87 18.30
CA GLN E 82 -13.31 2.27 19.57
C GLN E 82 -13.47 1.13 20.58
N MET E 83 -12.33 0.61 21.02
CA MET E 83 -12.32 -0.58 21.89
C MET E 83 -11.82 -0.25 23.31
N ASN E 84 -12.68 -0.42 24.32
CA ASN E 84 -12.32 -0.12 25.70
C ASN E 84 -12.33 -1.37 26.56
N ARG E 85 -11.67 -1.29 27.71
CA ARG E 85 -11.69 -2.36 28.72
C ARG E 85 -11.38 -3.66 28.00
N LEU E 86 -10.30 -3.61 27.25
CA LEU E 86 -9.89 -4.71 26.40
C LEU E 86 -9.61 -5.96 27.18
N ARG E 87 -9.93 -7.09 26.58
CA ARG E 87 -9.56 -8.35 27.17
C ARG E 87 -9.10 -9.37 26.14
N ALA E 88 -8.79 -10.57 26.61
CA ALA E 88 -8.10 -11.57 25.82
C ALA E 88 -8.91 -12.10 24.61
N GLU E 89 -10.18 -12.37 24.81
CA GLU E 89 -11.03 -12.77 23.70
C GLU E 89 -10.85 -11.75 22.57
N ASP E 90 -10.49 -10.52 22.90
CA ASP E 90 -10.41 -9.49 21.87
C ASP E 90 -9.18 -9.67 20.98
N THR E 91 -8.19 -10.45 21.44
CA THR E 91 -7.05 -10.69 20.59
C THR E 91 -7.51 -11.37 19.30
N ALA E 92 -7.19 -10.75 18.17
CA ALA E 92 -7.74 -11.19 16.89
C ALA E 92 -7.28 -10.27 15.77
N VAL E 93 -7.54 -10.72 14.55
CA VAL E 93 -7.46 -9.83 13.41
C VAL E 93 -8.83 -9.21 13.14
N TYR E 94 -8.86 -7.89 13.09
CA TYR E 94 -10.08 -7.14 12.88
C TYR E 94 -10.17 -6.67 11.43
N TYR E 95 -11.31 -6.94 10.78
CA TYR E 95 -11.58 -6.49 9.40
C TYR E 95 -12.76 -5.55 9.38
N CYS E 96 -12.78 -4.67 8.39
CA CYS E 96 -13.98 -3.89 8.17
C CYS E 96 -14.55 -4.32 6.84
N ALA E 97 -15.86 -4.17 6.69
CA ALA E 97 -16.47 -4.53 5.42
C ALA E 97 -17.63 -3.63 5.03
N ARG E 98 -17.74 -3.39 3.73
CA ARG E 98 -18.81 -2.61 3.21
C ARG E 98 -20.05 -3.48 3.02
N GLU E 99 -21.23 -2.89 3.22
CA GLU E 99 -22.49 -3.54 2.84
C GLU E 99 -23.47 -2.54 2.19
N LYS E 100 -23.99 -2.91 1.01
CA LYS E 100 -25.04 -2.12 0.38
C LYS E 100 -26.45 -2.43 0.96
N ASP E 101 -27.35 -1.45 0.88
CA ASP E 101 -28.73 -1.57 1.36
C ASP E 101 -29.63 -0.81 0.38
N HIS E 102 -30.94 -1.07 0.44
CA HIS E 102 -31.90 -0.36 -0.43
C HIS E 102 -33.28 -0.12 0.21
N TYR E 103 -33.79 1.10 0.15
CA TYR E 103 -35.13 1.34 0.67
C TYR E 103 -36.14 1.53 -0.45
N ASP E 104 -37.21 0.76 -0.38
CA ASP E 104 -38.28 0.80 -1.36
C ASP E 104 -39.38 1.71 -0.86
N ILE E 105 -39.53 2.84 -1.56
CA ILE E 105 -40.47 3.88 -1.17
C ILE E 105 -41.91 3.40 -1.11
N LEU E 106 -42.26 2.48 -2.02
CA LEU E 106 -43.64 2.02 -2.17
C LEU E 106 -44.05 1.00 -1.13
N THR E 107 -43.09 0.18 -0.77
CA THR E 107 -43.38 -0.88 0.14
C THR E 107 -43.01 -0.53 1.60
N GLY E 108 -42.24 0.54 1.78
CA GLY E 108 -41.58 0.79 3.06
C GLY E 108 -40.51 -0.24 3.52
N TYR E 109 -40.19 -1.26 2.71
CA TYR E 109 -39.18 -2.28 3.07
C TYR E 109 -37.73 -1.82 2.88
N ASN E 110 -36.85 -2.45 3.63
CA ASN E 110 -35.42 -2.20 3.50
C ASN E 110 -34.67 -3.47 3.12
N TYR E 111 -33.94 -3.40 2.03
CA TYR E 111 -33.20 -4.56 1.53
C TYR E 111 -31.69 -4.49 1.77
N TYR E 112 -31.14 -5.55 2.35
CA TYR E 112 -29.72 -5.61 2.66
C TYR E 112 -28.98 -6.66 1.84
N TYR E 113 -27.81 -6.30 1.31
CA TYR E 113 -27.04 -7.19 0.41
C TYR E 113 -25.81 -8.01 0.93
N GLY E 114 -25.49 -7.92 2.21
CA GLY E 114 -24.32 -8.61 2.75
C GLY E 114 -22.97 -7.93 2.56
N LEU E 115 -21.91 -8.50 3.15
CA LEU E 115 -20.58 -7.90 3.03
C LEU E 115 -19.87 -8.21 1.69
N ASP E 116 -19.57 -7.19 0.90
CA ASP E 116 -18.89 -7.41 -0.37
C ASP E 116 -17.39 -7.08 -0.36
N VAL E 117 -17.05 -5.84 -0.02
CA VAL E 117 -15.63 -5.48 -0.02
C VAL E 117 -15.02 -5.37 1.37
N TRP E 118 -13.83 -5.96 1.54
CA TRP E 118 -13.17 -6.05 2.84
C TRP E 118 -11.78 -5.43 2.85
N GLY E 119 -11.31 -5.06 4.02
CA GLY E 119 -10.01 -4.48 4.15
C GLY E 119 -8.99 -5.54 4.41
N GLN E 120 -7.74 -5.14 4.52
CA GLN E 120 -6.63 -6.07 4.59
C GLN E 120 -6.49 -6.61 6.00
N GLY E 121 -7.23 -6.03 6.94
CA GLY E 121 -7.15 -6.45 8.34
C GLY E 121 -6.07 -5.73 9.14
N THR E 122 -6.28 -5.62 10.44
CA THR E 122 -5.23 -5.15 11.34
C THR E 122 -5.23 -6.00 12.60
N THR E 123 -4.06 -6.22 13.19
CA THR E 123 -4.00 -7.15 14.31
C THR E 123 -4.05 -6.44 15.65
N VAL E 124 -4.83 -7.00 16.55
CA VAL E 124 -4.89 -6.47 17.89
C VAL E 124 -4.48 -7.62 18.78
N THR E 125 -3.46 -7.37 19.59
CA THR E 125 -2.94 -8.39 20.50
C THR E 125 -3.05 -7.85 21.94
N VAL E 126 -3.78 -8.54 22.81
CA VAL E 126 -3.99 -8.04 24.17
C VAL E 126 -3.14 -8.78 25.20
N SER E 127 -2.09 -8.12 25.69
CA SER E 127 -1.23 -8.74 26.71
C SER E 127 -0.33 -7.76 27.49
N SER E 128 0.12 -8.19 28.66
CA SER E 128 1.04 -7.37 29.47
C SER E 128 2.51 -7.65 29.09
N ALA E 129 2.73 -8.45 28.07
CA ALA E 129 4.11 -8.71 27.65
C ALA E 129 4.78 -7.46 27.12
N SER E 130 6.08 -7.41 27.31
CA SER E 130 6.82 -6.29 26.77
C SER E 130 7.67 -6.83 25.64
N THR E 131 7.96 -5.97 24.68
CA THR E 131 8.79 -6.37 23.57
C THR E 131 10.02 -7.06 24.13
N LYS E 132 10.34 -8.22 23.55
CA LYS E 132 11.50 -8.98 23.99
C LYS E 132 12.07 -9.82 22.85
N GLY E 133 13.39 -9.90 22.75
CA GLY E 133 14.04 -10.66 21.68
C GLY E 133 14.17 -12.15 21.98
N PRO E 134 14.09 -12.99 20.94
CA PRO E 134 14.11 -14.43 21.21
C PRO E 134 15.49 -14.91 21.64
N SER E 135 15.55 -15.83 22.59
CA SER E 135 16.75 -16.65 22.76
C SER E 135 16.73 -17.73 21.68
N VAL E 136 17.88 -18.00 21.09
CA VAL E 136 17.96 -18.98 20.01
C VAL E 136 18.91 -20.14 20.32
N PHE E 137 18.35 -21.33 20.46
CA PHE E 137 19.17 -22.48 20.85
C PHE E 137 19.20 -23.50 19.73
N PRO E 138 20.35 -24.14 19.52
CA PRO E 138 20.52 -25.14 18.47
C PRO E 138 19.82 -26.48 18.76
N LEU E 139 19.10 -27.03 17.77
CA LEU E 139 18.55 -28.39 17.87
C LEU E 139 19.49 -29.29 17.13
N ALA E 140 20.25 -30.08 17.88
CA ALA E 140 21.43 -30.76 17.36
C ALA E 140 21.13 -32.08 16.67
N PRO E 141 21.70 -32.26 15.47
CA PRO E 141 21.64 -33.55 14.77
C PRO E 141 22.28 -34.65 15.61
N SER E 142 21.54 -35.74 15.83
CA SER E 142 22.04 -36.86 16.63
C SER E 142 21.44 -38.20 16.22
N SER E 143 22.30 -39.20 16.03
CA SER E 143 21.84 -40.51 15.59
C SER E 143 22.31 -41.66 16.47
N LYS E 144 23.49 -41.51 17.05
CA LYS E 144 24.09 -42.56 17.84
C LYS E 144 24.63 -43.63 16.89
N SER E 145 24.68 -43.29 15.60
CA SER E 145 25.14 -44.23 14.57
C SER E 145 26.14 -43.57 13.62
N THR E 146 27.10 -44.36 13.15
CA THR E 146 28.17 -43.86 12.28
C THR E 146 27.68 -43.52 10.88
N SER E 147 28.14 -42.39 10.34
CA SER E 147 27.74 -42.02 8.99
C SER E 147 26.23 -42.01 8.97
N GLY E 148 25.65 -42.72 8.00
CA GLY E 148 24.22 -42.91 7.96
C GLY E 148 23.35 -42.28 6.90
N GLY E 149 22.05 -42.47 7.12
CA GLY E 149 20.96 -42.09 6.24
C GLY E 149 20.78 -40.58 6.18
N THR E 150 19.53 -40.11 6.12
CA THR E 150 19.24 -38.67 6.17
C THR E 150 18.74 -38.14 7.54
N ALA E 151 19.42 -37.14 8.09
CA ALA E 151 19.09 -36.69 9.45
C ALA E 151 18.44 -35.29 9.55
N ALA E 152 18.07 -34.91 10.78
CA ALA E 152 17.31 -33.68 11.04
C ALA E 152 18.02 -32.68 11.96
N LEU E 153 17.99 -31.41 11.59
CA LEU E 153 18.47 -30.35 12.49
C LEU E 153 17.54 -29.13 12.55
N GLY E 154 17.79 -28.23 13.49
CA GLY E 154 16.93 -27.07 13.62
C GLY E 154 17.40 -26.02 14.59
N CYS E 155 16.52 -25.05 14.84
CA CYS E 155 16.72 -23.97 15.81
C CYS E 155 15.45 -23.78 16.63
N LEU E 156 15.58 -23.77 17.95
CA LEU E 156 14.48 -23.42 18.83
C LEU E 156 14.52 -21.91 19.09
N VAL E 157 13.47 -21.19 18.71
CA VAL E 157 13.42 -19.74 18.91
C VAL E 157 12.53 -19.45 20.09
N LYS E 158 13.11 -19.02 21.20
CA LYS E 158 12.34 -19.04 22.43
C LYS E 158 12.15 -17.68 23.07
N ASP E 159 10.99 -17.56 23.71
CA ASP E 159 10.66 -16.42 24.56
C ASP E 159 10.87 -15.06 23.90
N TYR E 160 10.10 -14.79 22.85
CA TYR E 160 10.06 -13.48 22.24
C TYR E 160 8.63 -12.91 22.23
N PHE E 161 8.55 -11.61 21.93
CA PHE E 161 7.30 -10.91 21.93
C PHE E 161 7.51 -9.50 21.43
N PRO E 162 6.59 -9.03 20.57
CA PRO E 162 5.45 -9.80 20.07
C PRO E 162 5.87 -10.58 18.83
N GLU E 163 4.90 -11.14 18.11
CA GLU E 163 5.15 -11.72 16.79
C GLU E 163 5.37 -10.59 15.78
N PRO E 164 5.92 -10.93 14.60
CA PRO E 164 6.43 -12.27 14.23
C PRO E 164 7.93 -12.37 14.43
N VAL E 165 8.46 -13.55 14.11
CA VAL E 165 9.88 -13.69 13.81
C VAL E 165 10.02 -14.29 12.42
N THR E 166 11.16 -14.04 11.78
CA THR E 166 11.41 -14.65 10.50
C THR E 166 12.64 -15.53 10.63
N VAL E 167 12.66 -16.63 9.89
CA VAL E 167 13.76 -17.57 9.98
C VAL E 167 14.26 -18.01 8.61
N SER E 168 15.58 -17.96 8.43
CA SER E 168 16.18 -18.53 7.22
C SER E 168 17.24 -19.55 7.60
N TRP E 169 17.78 -20.22 6.59
CA TRP E 169 18.88 -21.15 6.82
C TRP E 169 19.97 -20.89 5.82
N ASN E 170 21.20 -20.86 6.33
CA ASN E 170 22.35 -20.51 5.52
C ASN E 170 22.09 -19.26 4.69
N SER E 171 21.42 -18.28 5.31
CA SER E 171 21.20 -16.96 4.71
C SER E 171 20.45 -17.03 3.38
N GLY E 172 19.37 -17.80 3.37
CA GLY E 172 18.52 -17.90 2.19
C GLY E 172 18.93 -19.00 1.25
N ALA E 173 20.09 -19.60 1.52
CA ALA E 173 20.70 -20.56 0.62
C ALA E 173 20.06 -21.93 0.69
N LEU E 174 19.67 -22.35 1.89
CA LEU E 174 19.05 -23.66 2.04
C LEU E 174 17.52 -23.52 2.19
N THR E 175 16.79 -23.78 1.11
CA THR E 175 15.31 -23.74 1.14
C THR E 175 14.59 -25.05 1.49
N SER E 176 15.06 -26.15 0.91
CA SER E 176 14.31 -27.40 0.96
C SER E 176 14.66 -28.28 2.17
N GLY E 177 13.64 -28.95 2.69
CA GLY E 177 13.76 -29.73 3.91
C GLY E 177 13.30 -28.89 5.08
N VAL E 178 13.24 -27.57 4.85
CA VAL E 178 12.87 -26.64 5.90
C VAL E 178 11.36 -26.62 6.15
N HIS E 179 10.98 -26.95 7.37
CA HIS E 179 9.68 -26.55 7.89
C HIS E 179 9.89 -25.58 9.02
N THR E 180 9.41 -24.35 8.86
CA THR E 180 9.42 -23.42 9.99
C THR E 180 8.04 -23.39 10.63
N PHE E 181 7.98 -23.74 11.91
CA PHE E 181 6.71 -23.97 12.57
C PHE E 181 6.06 -22.70 13.07
N PRO E 182 4.73 -22.69 13.10
CA PRO E 182 3.99 -21.58 13.74
C PRO E 182 4.31 -21.47 15.23
N ALA E 183 4.45 -20.24 15.68
CA ALA E 183 4.74 -20.02 17.10
C ALA E 183 3.60 -20.54 17.96
N VAL E 184 3.94 -21.04 19.13
CA VAL E 184 2.91 -21.22 20.14
C VAL E 184 3.10 -20.12 21.18
N LEU E 185 2.00 -19.73 21.80
CA LEU E 185 2.03 -18.79 22.90
C LEU E 185 2.13 -19.58 24.21
N GLN E 186 3.28 -19.49 24.86
CA GLN E 186 3.47 -20.17 26.14
C GLN E 186 2.64 -19.56 27.25
N SER E 187 2.44 -20.34 28.32
CA SER E 187 1.69 -19.88 29.50
C SER E 187 2.31 -18.66 30.23
N SER E 188 3.54 -18.29 29.84
CA SER E 188 4.22 -17.10 30.37
C SER E 188 3.75 -15.83 29.70
N GLY E 189 3.21 -15.94 28.50
CA GLY E 189 2.81 -14.76 27.77
C GLY E 189 3.78 -14.47 26.65
N LEU E 190 4.79 -15.34 26.53
CA LEU E 190 5.80 -15.21 25.49
C LEU E 190 5.70 -16.32 24.40
N TYR E 191 6.18 -16.00 23.20
CA TYR E 191 6.15 -16.92 22.09
C TYR E 191 7.39 -17.78 22.03
N SER E 192 7.19 -19.03 21.63
CA SER E 192 8.30 -19.93 21.38
C SER E 192 8.04 -20.70 20.10
N LEU E 193 8.97 -20.63 19.15
CA LEU E 193 8.81 -21.39 17.91
C LEU E 193 10.09 -22.12 17.48
N SER E 194 9.93 -23.11 16.60
CA SER E 194 11.06 -23.90 16.17
C SER E 194 11.16 -24.01 14.67
N SER E 195 12.39 -24.10 14.18
CA SER E 195 12.61 -24.23 12.77
C SER E 195 13.50 -25.41 12.54
N VAL E 196 13.19 -26.17 11.50
CA VAL E 196 13.73 -27.49 11.37
C VAL E 196 14.01 -27.82 9.92
N VAL E 197 15.06 -28.60 9.68
CA VAL E 197 15.37 -29.03 8.33
C VAL E 197 15.89 -30.46 8.29
N THR E 198 15.69 -31.12 7.17
CA THR E 198 16.24 -32.45 6.99
C THR E 198 17.33 -32.41 5.92
N VAL E 199 18.48 -32.96 6.27
CA VAL E 199 19.60 -33.05 5.34
C VAL E 199 20.16 -34.48 5.35
N PRO E 200 20.94 -34.83 4.31
CA PRO E 200 21.52 -36.17 4.31
C PRO E 200 22.58 -36.23 5.41
N SER E 201 22.71 -37.38 6.08
CA SER E 201 23.65 -37.51 7.20
C SER E 201 25.11 -37.41 6.73
N SER E 202 25.34 -37.79 5.48
CA SER E 202 26.65 -37.60 4.88
C SER E 202 27.06 -36.12 4.98
N SER E 203 26.08 -35.23 4.82
CA SER E 203 26.32 -33.79 4.83
C SER E 203 26.91 -33.31 6.17
N LEU E 204 26.69 -34.09 7.22
CA LEU E 204 27.28 -33.74 8.51
C LEU E 204 28.81 -33.78 8.46
N GLY E 205 29.41 -32.68 8.89
CA GLY E 205 30.86 -32.55 8.92
C GLY E 205 31.40 -31.73 7.76
N THR E 206 30.62 -31.64 6.70
CA THR E 206 31.09 -31.01 5.47
C THR E 206 30.42 -29.67 5.25
N GLN E 207 29.10 -29.71 5.13
CA GLN E 207 28.29 -28.50 5.07
C GLN E 207 27.99 -27.99 6.47
N THR E 208 28.06 -26.67 6.62
CA THR E 208 27.85 -26.04 7.90
C THR E 208 26.42 -25.52 7.95
N TYR E 209 25.80 -25.54 9.11
CA TYR E 209 24.41 -25.11 9.18
C TYR E 209 24.18 -23.97 10.17
N ILE E 210 23.79 -22.81 9.63
CA ILE E 210 23.44 -21.65 10.45
C ILE E 210 22.01 -21.16 10.18
N CYS E 211 21.18 -21.07 11.20
CA CYS E 211 19.88 -20.42 11.02
C CYS E 211 19.95 -18.90 11.24
N ASN E 212 19.22 -18.15 10.42
CA ASN E 212 19.13 -16.70 10.59
C ASN E 212 17.79 -16.27 11.18
N VAL E 213 17.84 -15.69 12.37
CA VAL E 213 16.62 -15.27 13.05
C VAL E 213 16.51 -13.75 13.14
N ASN E 214 15.41 -13.22 12.62
CA ASN E 214 15.14 -11.79 12.74
C ASN E 214 13.85 -11.57 13.51
N HIS E 215 13.94 -10.82 14.60
CA HIS E 215 12.76 -10.32 15.30
C HIS E 215 12.81 -8.81 15.14
N LYS E 216 11.98 -8.26 14.26
CA LYS E 216 12.09 -6.84 13.91
C LYS E 216 11.70 -5.92 15.06
N PRO E 217 10.65 -6.30 15.80
CA PRO E 217 10.13 -5.43 16.86
C PRO E 217 11.18 -5.18 17.92
N SER E 218 11.97 -6.19 18.27
CA SER E 218 13.02 -6.07 19.27
C SER E 218 14.32 -5.58 18.65
N ASN E 219 14.28 -5.42 17.32
CA ASN E 219 15.47 -5.14 16.52
C ASN E 219 16.65 -6.08 16.81
N THR E 220 16.37 -7.37 16.70
CA THR E 220 17.28 -8.40 17.11
C THR E 220 17.55 -9.29 15.91
N LYS E 221 18.82 -9.58 15.67
CA LYS E 221 19.25 -10.51 14.63
C LYS E 221 20.26 -11.53 15.20
N VAL E 222 19.84 -12.80 15.30
CA VAL E 222 20.73 -13.85 15.81
C VAL E 222 21.15 -14.82 14.70
N ASP E 223 22.43 -15.22 14.72
CA ASP E 223 22.91 -16.26 13.80
C ASP E 223 23.49 -17.42 14.60
N LYS E 224 22.83 -18.57 14.55
CA LYS E 224 23.26 -19.69 15.38
C LYS E 224 23.85 -20.82 14.53
N LYS E 225 24.98 -21.34 14.97
CA LYS E 225 25.60 -22.47 14.31
C LYS E 225 25.10 -23.77 14.93
N VAL E 226 24.47 -24.59 14.10
CA VAL E 226 23.99 -25.89 14.55
C VAL E 226 25.01 -27.00 14.24
N GLU E 227 25.44 -27.71 15.28
CA GLU E 227 26.55 -28.65 15.16
C GLU E 227 26.26 -29.91 15.98
N PRO E 228 26.91 -31.03 15.62
CA PRO E 228 26.68 -32.35 16.23
C PRO E 228 27.26 -32.53 17.64
N LYS E 229 26.51 -33.20 18.51
CA LYS E 229 26.96 -33.55 19.86
C LYS E 229 26.88 -35.07 20.09
N SER E 230 27.26 -35.56 21.27
CA SER E 230 27.52 -37.00 21.45
C SER E 230 26.78 -37.82 22.54
N CYS E 231 27.21 -37.65 23.79
CA CYS E 231 26.92 -38.61 24.88
C CYS E 231 27.51 -39.98 24.57
N ASP F 2 -39.88 9.04 -10.27
CA ASP F 2 -39.82 10.43 -10.70
C ASP F 2 -40.56 11.31 -9.73
N PHE F 3 -41.87 11.40 -9.94
CA PHE F 3 -42.74 12.19 -9.10
C PHE F 3 -43.04 11.41 -7.82
N LEU F 4 -42.96 10.08 -7.91
CA LEU F 4 -43.03 9.24 -6.71
C LEU F 4 -42.08 9.78 -5.67
N PHE F 5 -40.79 9.79 -6.01
CA PHE F 5 -39.79 10.40 -5.15
C PHE F 5 -40.14 11.85 -4.82
N GLU F 6 -40.74 12.55 -5.78
CA GLU F 6 -41.21 13.92 -5.56
C GLU F 6 -42.24 14.01 -4.43
N LYS F 7 -43.40 13.39 -4.63
CA LYS F 7 -44.43 13.40 -3.61
C LYS F 7 -43.80 12.98 -2.28
N TRP F 8 -42.84 12.08 -2.37
CA TRP F 8 -42.17 11.53 -1.20
C TRP F 8 -41.44 12.59 -0.39
N LYS F 9 -40.63 13.39 -1.06
CA LYS F 9 -39.82 14.39 -0.37
C LYS F 9 -40.71 15.37 0.36
N LEU F 10 -41.71 15.88 -0.34
CA LEU F 10 -42.68 16.76 0.29
C LEU F 10 -43.08 16.13 1.60
N TYR F 11 -43.62 14.91 1.52
CA TYR F 11 -44.03 14.18 2.71
C TYR F 11 -42.94 14.32 3.76
N SER F 12 -41.76 13.81 3.44
CA SER F 12 -40.62 13.90 4.35
C SER F 12 -40.42 15.32 4.90
N ASP F 13 -40.71 16.33 4.08
CA ASP F 13 -40.52 17.72 4.49
C ASP F 13 -41.62 18.24 5.40
N GLN F 14 -42.87 17.96 5.04
CA GLN F 14 -44.01 18.42 5.80
C GLN F 14 -44.09 17.63 7.08
N CYS F 15 -43.78 16.33 6.99
CA CYS F 15 -43.71 15.52 8.19
C CYS F 15 -42.82 16.24 9.20
N HIS F 16 -41.59 16.55 8.80
CA HIS F 16 -40.68 17.28 9.67
C HIS F 16 -41.27 18.61 10.15
N HIS F 17 -41.75 19.42 9.22
CA HIS F 17 -42.43 20.65 9.63
C HIS F 17 -43.68 20.41 10.49
N ASN F 18 -44.66 19.64 10.01
CA ASN F 18 -45.86 19.37 10.80
C ASN F 18 -45.42 18.98 12.20
N LEU F 19 -44.28 18.29 12.25
CA LEU F 19 -43.81 17.64 13.47
C LEU F 19 -42.95 18.58 14.28
N SER F 20 -42.56 19.69 13.67
CA SER F 20 -41.62 20.62 14.28
C SER F 20 -42.29 21.39 15.39
N LEU F 21 -43.45 21.96 15.12
CA LEU F 21 -44.18 22.62 16.19
C LEU F 21 -45.07 21.56 16.77
N LEU F 22 -44.61 21.03 17.88
CA LEU F 22 -45.38 20.18 18.76
C LEU F 22 -44.77 20.42 20.11
N PRO F 23 -45.60 20.39 21.15
CA PRO F 23 -45.08 20.56 22.51
C PRO F 23 -44.24 19.33 22.85
N PRO F 24 -43.06 19.54 23.44
CA PRO F 24 -42.26 18.39 23.89
C PRO F 24 -43.10 17.51 24.83
N PRO F 25 -42.77 16.21 24.90
CA PRO F 25 -43.63 15.23 25.58
C PRO F 25 -43.58 15.38 27.08
N THR F 26 -44.65 15.02 27.77
CA THR F 26 -44.62 14.95 29.24
C THR F 26 -44.57 13.55 29.84
N GLU F 27 -44.60 12.52 29.02
CA GLU F 27 -44.62 11.13 29.51
C GLU F 27 -43.45 10.36 28.95
N LEU F 28 -43.31 9.09 29.33
CA LEU F 28 -42.27 8.25 28.74
C LEU F 28 -42.79 7.83 27.36
N VAL F 29 -42.10 8.26 26.30
CA VAL F 29 -42.58 8.11 24.93
C VAL F 29 -41.51 7.57 23.99
N CYS F 30 -41.91 7.30 22.75
CA CYS F 30 -41.00 7.07 21.64
C CYS F 30 -40.97 8.39 20.87
N ASN F 31 -39.78 8.93 20.65
CA ASN F 31 -39.68 10.24 20.05
C ASN F 31 -40.43 10.25 18.72
N ARG F 32 -41.04 11.39 18.44
CA ARG F 32 -41.70 11.65 17.15
C ARG F 32 -40.69 11.36 16.06
N THR F 33 -41.15 10.86 14.92
CA THR F 33 -40.23 10.55 13.82
C THR F 33 -40.86 10.48 12.42
N PHE F 34 -40.04 10.73 11.41
CA PHE F 34 -40.35 10.30 10.07
C PHE F 34 -39.51 9.07 9.89
N ASP F 35 -40.17 7.94 9.72
CA ASP F 35 -39.54 6.65 9.69
C ASP F 35 -39.32 6.14 8.28
N LYS F 36 -39.42 7.07 7.35
CA LYS F 36 -39.14 6.90 5.94
C LYS F 36 -40.34 6.40 5.18
N TYR F 37 -41.44 6.20 5.88
CA TYR F 37 -42.68 5.77 5.28
C TYR F 37 -43.82 6.69 5.66
N SER F 38 -43.97 6.95 6.95
CA SER F 38 -45.01 7.89 7.38
C SER F 38 -44.59 8.79 8.55
N CYS F 39 -45.46 9.70 8.98
CA CYS F 39 -45.11 10.66 10.02
C CYS F 39 -45.57 10.27 11.42
N TRP F 40 -44.62 9.99 12.31
CA TRP F 40 -44.96 9.46 13.65
C TRP F 40 -44.81 10.46 14.78
N PRO F 41 -45.92 10.77 15.45
CA PRO F 41 -45.95 11.70 16.58
C PRO F 41 -45.41 10.97 17.81
N ASP F 42 -45.00 11.69 18.85
CA ASP F 42 -44.54 11.03 20.08
C ASP F 42 -45.64 10.09 20.50
N THR F 43 -45.25 8.93 21.00
CA THR F 43 -46.22 7.91 21.31
C THR F 43 -45.88 7.29 22.64
N PRO F 44 -46.89 7.11 23.49
CA PRO F 44 -46.63 6.51 24.81
C PRO F 44 -46.00 5.14 24.68
N ALA F 45 -45.12 4.81 25.61
CA ALA F 45 -44.46 3.51 25.58
C ALA F 45 -45.49 2.41 25.79
N ASN F 46 -45.16 1.21 25.32
CA ASN F 46 -46.03 0.03 25.47
C ASN F 46 -47.33 0.13 24.69
N THR F 47 -47.36 0.95 23.65
CA THR F 47 -48.58 1.09 22.87
C THR F 47 -48.35 1.09 21.38
N THR F 48 -49.42 0.94 20.60
CA THR F 48 -49.33 0.95 19.15
C THR F 48 -49.95 2.20 18.55
N ALA F 49 -49.18 2.90 17.74
CA ALA F 49 -49.71 4.08 17.08
C ALA F 49 -50.24 3.71 15.70
N ASN F 50 -51.29 4.41 15.26
CA ASN F 50 -51.85 4.25 13.92
C ASN F 50 -51.87 5.58 13.14
N ILE F 51 -51.56 5.57 11.85
CA ILE F 51 -52.03 6.65 11.00
C ILE F 51 -52.61 6.21 9.67
N SER F 52 -53.13 7.16 8.91
CA SER F 52 -53.65 6.82 7.60
C SER F 52 -52.47 6.56 6.68
N CYS F 53 -52.64 5.66 5.73
CA CYS F 53 -51.59 5.39 4.76
C CYS F 53 -51.17 6.70 4.11
N PRO F 54 -49.86 6.87 3.89
CA PRO F 54 -49.31 8.10 3.32
C PRO F 54 -49.93 8.39 1.95
N TRP F 55 -50.00 9.67 1.56
CA TRP F 55 -50.66 10.05 0.32
C TRP F 55 -49.77 10.01 -0.93
N TYR F 56 -48.46 9.81 -0.74
CA TYR F 56 -47.56 9.71 -1.90
C TYR F 56 -47.72 8.39 -2.63
N LEU F 57 -48.17 7.37 -1.89
CA LEU F 57 -48.44 6.09 -2.51
C LEU F 57 -49.36 6.32 -3.69
N PRO F 58 -49.04 5.71 -4.84
CA PRO F 58 -49.80 5.88 -6.09
C PRO F 58 -51.27 5.43 -5.98
N TRP F 59 -51.54 4.53 -5.04
CA TRP F 59 -52.88 4.00 -4.77
C TRP F 59 -53.70 4.68 -3.67
N HIS F 60 -53.23 5.83 -3.18
CA HIS F 60 -53.81 6.46 -1.99
C HIS F 60 -55.33 6.47 -1.97
N HIS F 61 -55.95 6.74 -3.11
CA HIS F 61 -57.41 6.76 -3.21
C HIS F 61 -58.04 5.50 -2.60
N LYS F 62 -57.58 4.33 -3.05
CA LYS F 62 -58.10 3.06 -2.56
C LYS F 62 -57.91 2.87 -1.04
N VAL F 63 -56.73 3.21 -0.55
CA VAL F 63 -56.36 2.91 0.83
C VAL F 63 -56.56 4.05 1.85
N GLN F 64 -57.12 5.17 1.41
CA GLN F 64 -57.23 6.37 2.26
C GLN F 64 -57.93 6.12 3.60
N HIS F 65 -58.76 5.09 3.65
CA HIS F 65 -59.48 4.75 4.87
C HIS F 65 -58.73 3.73 5.70
N ARG F 66 -57.54 3.35 5.27
CA ARG F 66 -56.75 2.35 6.00
C ARG F 66 -55.60 2.93 6.82
N PHE F 67 -54.82 2.04 7.44
CA PHE F 67 -53.80 2.48 8.39
C PHE F 67 -52.49 1.73 8.37
N VAL F 68 -51.49 2.43 8.87
CA VAL F 68 -50.19 1.86 9.17
C VAL F 68 -50.13 1.83 10.69
N PHE F 69 -49.40 0.88 11.24
CA PHE F 69 -49.22 0.86 12.68
C PHE F 69 -47.76 0.74 13.03
N LYS F 70 -47.37 1.35 14.14
CA LYS F 70 -46.00 1.22 14.64
C LYS F 70 -46.05 0.88 16.12
N ARG F 71 -45.33 -0.17 16.52
CA ARG F 71 -45.26 -0.48 17.94
C ARG F 71 -44.17 0.32 18.70
N CYS F 72 -44.61 0.97 19.75
CA CYS F 72 -43.71 1.61 20.67
C CYS F 72 -43.50 0.67 21.84
N GLY F 73 -42.27 0.22 22.00
CA GLY F 73 -41.96 -0.69 23.08
C GLY F 73 -42.15 -0.06 24.45
N PRO F 74 -42.18 -0.91 25.48
CA PRO F 74 -42.26 -0.56 26.91
C PRO F 74 -40.93 0.11 27.26
N ASP F 75 -40.03 -0.09 26.31
CA ASP F 75 -38.73 0.52 26.28
C ASP F 75 -38.82 2.04 26.45
N GLY F 76 -39.70 2.64 25.66
CA GLY F 76 -39.50 3.99 25.19
C GLY F 76 -38.78 3.94 23.85
N GLN F 77 -38.60 2.72 23.30
CA GLN F 77 -37.99 2.55 21.99
C GLN F 77 -38.95 1.97 20.94
N TRP F 78 -39.03 2.63 19.80
CA TRP F 78 -39.68 2.07 18.62
C TRP F 78 -39.10 0.68 18.30
N VAL F 79 -39.97 -0.29 18.03
CA VAL F 79 -39.53 -1.65 17.77
C VAL F 79 -38.85 -1.75 16.40
N ARG F 80 -37.71 -2.43 16.35
CA ARG F 80 -36.94 -2.42 15.12
C ARG F 80 -37.04 -3.73 14.32
N GLY F 81 -36.91 -3.59 13.01
CA GLY F 81 -36.77 -4.74 12.13
C GLY F 81 -35.50 -5.53 12.43
N PRO F 82 -35.35 -6.68 11.77
CA PRO F 82 -34.33 -7.68 12.07
C PRO F 82 -32.92 -7.11 11.92
N ARG F 83 -32.76 -6.20 10.97
CA ARG F 83 -31.48 -5.57 10.70
C ARG F 83 -31.33 -4.24 11.42
N GLY F 84 -32.31 -3.94 12.29
CA GLY F 84 -32.30 -2.72 13.08
C GLY F 84 -32.98 -1.55 12.38
N GLN F 85 -33.40 -1.78 11.15
CA GLN F 85 -34.09 -0.74 10.40
C GLN F 85 -35.42 -0.44 11.05
N PRO F 86 -35.96 0.75 10.74
CA PRO F 86 -37.30 1.17 11.18
C PRO F 86 -38.32 0.19 10.64
N TRP F 87 -39.37 -0.06 11.43
CA TRP F 87 -40.25 -1.20 11.26
C TRP F 87 -41.69 -0.75 11.45
N ARG F 88 -42.61 -1.35 10.69
CA ARG F 88 -44.01 -1.05 10.90
C ARG F 88 -44.94 -2.07 10.27
N ASP F 89 -46.20 -2.08 10.69
CA ASP F 89 -47.17 -2.93 10.00
C ASP F 89 -47.80 -2.11 8.87
N ALA F 90 -47.33 -2.36 7.66
CA ALA F 90 -47.73 -1.56 6.51
C ALA F 90 -48.83 -2.26 5.70
N SER F 91 -49.25 -3.42 6.18
CA SER F 91 -50.00 -4.35 5.34
C SER F 91 -51.23 -3.74 4.69
N GLN F 92 -52.02 -2.96 5.42
CA GLN F 92 -53.24 -2.40 4.86
C GLN F 92 -52.95 -1.38 3.75
N CYS F 93 -51.72 -0.90 3.67
CA CYS F 93 -51.37 0.10 2.67
C CYS F 93 -50.78 -0.50 1.39
N GLN F 94 -50.42 -1.78 1.43
CA GLN F 94 -49.68 -2.41 0.33
C GLN F 94 -50.60 -2.67 -0.87
N MET F 95 -50.10 -3.37 -1.88
CA MET F 95 -50.93 -3.68 -3.05
C MET F 95 -51.20 -5.18 -3.15
#